data_3UDF
#
_entry.id   3UDF
#
_cell.length_a   118.870
_cell.length_b   243.000
_cell.length_c   49.400
_cell.angle_alpha   90.00
_cell.angle_beta   90.00
_cell.angle_gamma   90.00
#
_symmetry.space_group_name_H-M   'P 21 21 2'
#
loop_
_entity.id
_entity.type
_entity.pdbx_description
1 polymer 'Penicillin-binding protein 1a'
2 non-polymer '2-(N-MORPHOLINO)-ETHANESULFONIC ACID'
3 water water
#
_entity_poly.entity_id   1
_entity_poly.type   'polypeptide(L)'
_entity_poly.pdbx_seq_one_letter_code
;MHHHHHHENLYFQSHMLLKPLQVYTADNQLIAEYGGKLSIPVEYKQIPPNFIHAFLAAEDSSFFEHSGISFKGLGRALSE
SVTGSDVQTGGSTITMQVAKNYYLSPERTLKRKITEIFLARKIEQNLSKEDILSLYVNKIFLGKNAYGIAAAAKIYYNKS
INELSIAQMAMIAGLPKAPSKYNPVVNPERALERRNWILGRMLQLGYISQAEYQKAVAEPINLNMPNRDLNNIHPYAGEM
VRSELVKHFGEQAIDSGYKVYTTINAKRQAIAEKAVQDGLEAYDRRHGWRGAEAHDKPLSEFRAYANTYPAQVTKVNSSS
FEALMQDGSTVTVQWSGMSWARPYRNANSVGAAPSRASQIVKVKDIVRLRPNEAKTAWSLVQVPKVQGQLIAINPNDGSI
EAIVGGYNFYQSKFNRALQGWRQPGSTIKPFLYALALERGMTPYSMVNDSPITIGKWTPKNSDGRYLGMIPLRRALYLSR
NTVSVRLLQTVGIERTRQLFMDFGLQEDQIPRNYTIALGTPQVLPIQMATGYATFANGGYRVQPHFIQRIEDAYGKVIYE
AKPEYACIPCINAPETTDDAQVTTPDDQVVEVTNKELEQKEKTTKQLNLKQTDKNNSQYRQAQRILKSSSAYDMANILRD
VIEHGTGRAALKIGRSDLGGKTGTTNDAKDAWFAGFNGKLVTVTWVGFDQPTTLGRREYGGIAALPIWINFMGQALQGTP
AAWVRLEKDAQ
;
_entity_poly.pdbx_strand_id   A,B
#
# COMPACT_ATOMS: atom_id res chain seq x y z
N LYS A 19 -3.32 -20.88 -5.77
CA LYS A 19 -4.76 -21.09 -5.81
C LYS A 19 -5.51 -19.77 -6.20
N PRO A 20 -5.61 -19.47 -7.51
CA PRO A 20 -6.25 -18.22 -7.92
C PRO A 20 -7.78 -18.26 -7.82
N LEU A 21 -8.40 -17.09 -7.88
CA LEU A 21 -9.86 -16.96 -7.95
C LEU A 21 -10.18 -17.49 -9.35
N GLN A 22 -11.12 -18.43 -9.45
CA GLN A 22 -11.47 -19.05 -10.72
C GLN A 22 -12.91 -18.70 -11.09
N VAL A 23 -13.14 -18.54 -12.39
CA VAL A 23 -14.45 -18.21 -12.95
C VAL A 23 -14.85 -19.30 -13.90
N TYR A 24 -16.05 -19.86 -13.68
CA TYR A 24 -16.60 -20.95 -14.47
C TYR A 24 -17.93 -20.54 -15.10
N THR A 25 -18.20 -21.10 -16.26
CA THR A 25 -19.51 -20.91 -16.93
C THR A 25 -20.48 -21.97 -16.34
N ALA A 26 -21.76 -21.88 -16.70
CA ALA A 26 -22.79 -22.80 -16.20
C ALA A 26 -22.54 -24.29 -16.53
N ASP A 27 -21.76 -24.59 -17.60
CA ASP A 27 -21.40 -25.96 -17.99
C ASP A 27 -20.15 -26.42 -17.21
N ASN A 28 -19.71 -25.63 -16.22
CA ASN A 28 -18.54 -25.91 -15.36
C ASN A 28 -17.18 -25.81 -16.07
N GLN A 29 -17.13 -25.12 -17.22
CA GLN A 29 -15.87 -24.93 -17.93
C GLN A 29 -15.15 -23.69 -17.42
N LEU A 30 -13.84 -23.82 -17.16
CA LEU A 30 -13.02 -22.74 -16.64
C LEU A 30 -12.78 -21.66 -17.70
N ILE A 31 -13.17 -20.42 -17.40
CA ILE A 31 -12.99 -19.32 -18.34
C ILE A 31 -12.01 -18.22 -17.93
N ALA A 32 -11.76 -18.09 -16.63
CA ALA A 32 -10.85 -17.04 -16.15
C ALA A 32 -10.21 -17.42 -14.84
N GLU A 33 -8.99 -16.89 -14.63
CA GLU A 33 -8.23 -17.08 -13.40
C GLU A 33 -7.59 -15.76 -13.04
N TYR A 34 -7.76 -15.36 -11.79
CA TYR A 34 -7.20 -14.11 -11.28
C TYR A 34 -6.22 -14.40 -10.14
N GLY A 35 -4.95 -14.21 -10.42
CA GLY A 35 -3.90 -14.44 -9.44
C GLY A 35 -3.84 -13.29 -8.46
N GLY A 36 -3.93 -13.61 -7.17
CA GLY A 36 -3.83 -12.62 -6.10
C GLY A 36 -2.46 -12.69 -5.43
N LYS A 37 -2.43 -12.64 -4.08
CA LYS A 37 -1.19 -12.75 -3.29
C LYS A 37 -0.52 -14.08 -3.61
N LEU A 38 0.79 -14.06 -3.87
CA LEU A 38 1.50 -15.27 -4.23
C LEU A 38 2.62 -15.55 -3.26
N SER A 39 2.74 -16.80 -2.85
CA SER A 39 3.82 -17.28 -2.02
C SER A 39 4.15 -18.69 -2.49
N ILE A 40 5.42 -18.93 -2.85
CA ILE A 40 5.93 -20.22 -3.32
C ILE A 40 7.03 -20.60 -2.33
N PRO A 41 6.75 -21.32 -1.24
CA PRO A 41 7.82 -21.62 -0.27
C PRO A 41 8.90 -22.55 -0.84
N VAL A 42 10.16 -22.28 -0.49
CA VAL A 42 11.30 -23.10 -0.92
C VAL A 42 12.03 -23.54 0.33
N GLU A 43 12.78 -24.65 0.22
CA GLU A 43 13.61 -25.16 1.30
C GLU A 43 14.83 -24.25 1.31
N TYR A 44 15.32 -23.87 2.50
CA TYR A 44 16.46 -22.98 2.63
C TYR A 44 17.73 -23.48 1.91
N LYS A 45 18.01 -24.80 1.96
CA LYS A 45 19.17 -25.41 1.29
C LYS A 45 19.13 -25.26 -0.25
N GLN A 46 17.92 -25.08 -0.82
CA GLN A 46 17.72 -24.91 -2.26
C GLN A 46 17.97 -23.47 -2.76
N ILE A 47 18.23 -22.54 -1.83
CA ILE A 47 18.45 -21.14 -2.18
C ILE A 47 19.89 -20.91 -2.65
N PRO A 48 20.13 -20.35 -3.86
CA PRO A 48 21.51 -20.10 -4.26
C PRO A 48 22.25 -19.18 -3.27
N PRO A 49 23.49 -19.51 -2.93
CA PRO A 49 24.28 -18.67 -2.01
C PRO A 49 24.34 -17.19 -2.39
N ASN A 50 24.42 -16.86 -3.71
CA ASN A 50 24.46 -15.44 -4.13
C ASN A 50 23.17 -14.69 -3.74
N PHE A 51 22.03 -15.40 -3.67
CA PHE A 51 20.74 -14.81 -3.30
C PHE A 51 20.76 -14.47 -1.82
N ILE A 52 21.20 -15.41 -0.97
CA ILE A 52 21.36 -15.15 0.47
C ILE A 52 22.33 -13.96 0.65
N HIS A 53 23.47 -13.97 -0.08
CA HIS A 53 24.48 -12.89 -0.02
C HIS A 53 23.91 -11.53 -0.44
N ALA A 54 22.97 -11.51 -1.41
CA ALA A 54 22.33 -10.25 -1.80
C ALA A 54 21.55 -9.67 -0.60
N PHE A 55 20.83 -10.52 0.16
CA PHE A 55 20.11 -10.05 1.35
C PHE A 55 21.07 -9.61 2.44
N LEU A 56 22.21 -10.32 2.58
CA LEU A 56 23.21 -9.96 3.60
C LEU A 56 23.82 -8.60 3.29
N ALA A 57 23.93 -8.27 1.98
CA ALA A 57 24.49 -6.99 1.52
C ALA A 57 23.45 -5.85 1.40
N ALA A 58 22.17 -6.16 1.64
CA ALA A 58 21.05 -5.20 1.50
C ALA A 58 21.10 -4.00 2.43
N GLU A 59 21.70 -4.17 3.63
CA GLU A 59 21.81 -3.08 4.61
C GLU A 59 23.25 -2.87 5.07
N ASP A 60 23.59 -1.63 5.45
CA ASP A 60 24.94 -1.26 5.88
C ASP A 60 25.36 -1.92 7.17
N SER A 61 24.39 -2.15 8.07
CA SER A 61 24.69 -2.72 9.37
C SER A 61 23.62 -3.70 9.81
N SER A 62 24.08 -4.80 10.44
CA SER A 62 23.21 -5.83 10.98
C SER A 62 23.66 -6.06 12.42
N PHE A 63 22.71 -5.98 13.37
CA PHE A 63 23.05 -6.10 14.79
C PHE A 63 22.31 -7.29 15.44
N PHE A 64 21.65 -8.15 14.65
CA PHE A 64 20.86 -9.25 15.24
C PHE A 64 21.74 -10.18 16.08
N ASN A 126 27.83 -10.38 8.66
CA ASN A 126 26.40 -10.64 8.46
C ASN A 126 26.01 -12.08 8.84
N LEU A 127 26.86 -12.74 9.65
CA LEU A 127 26.70 -14.11 10.15
C LEU A 127 25.31 -14.44 10.75
N SER A 128 24.85 -13.66 11.77
CA SER A 128 23.57 -13.88 12.44
C SER A 128 22.36 -13.60 11.53
N LYS A 129 22.50 -12.64 10.60
CA LYS A 129 21.40 -12.36 9.66
C LYS A 129 21.09 -13.59 8.80
N GLU A 130 22.12 -14.34 8.40
CA GLU A 130 21.96 -15.57 7.62
C GLU A 130 20.93 -16.56 8.24
N ASP A 131 20.98 -16.80 9.58
CA ASP A 131 20.01 -17.71 10.23
C ASP A 131 18.62 -17.11 10.45
N ILE A 132 18.54 -15.82 10.81
CA ILE A 132 17.26 -15.19 11.00
C ILE A 132 16.54 -15.10 9.65
N LEU A 133 17.31 -14.87 8.57
CA LEU A 133 16.78 -14.79 7.20
C LEU A 133 15.94 -16.03 6.85
N SER A 134 16.38 -17.26 7.24
CA SER A 134 15.61 -18.49 6.99
C SER A 134 14.17 -18.41 7.54
N LEU A 135 13.97 -17.62 8.62
CA LEU A 135 12.64 -17.46 9.19
C LEU A 135 11.74 -16.58 8.35
N TYR A 136 12.29 -15.70 7.49
CA TYR A 136 11.47 -14.74 6.73
C TYR A 136 11.53 -14.83 5.20
N VAL A 137 12.53 -15.53 4.69
CA VAL A 137 12.79 -15.63 3.25
C VAL A 137 11.61 -16.05 2.35
N ASN A 138 10.66 -16.86 2.87
CA ASN A 138 9.46 -17.28 2.15
C ASN A 138 8.24 -16.39 2.41
N LYS A 139 8.38 -15.39 3.30
CA LYS A 139 7.27 -14.54 3.74
C LYS A 139 7.42 -13.07 3.44
N ILE A 140 8.66 -12.55 3.29
CA ILE A 140 8.89 -11.12 3.06
C ILE A 140 8.05 -10.57 1.93
N PHE A 141 7.37 -9.45 2.19
CA PHE A 141 6.59 -8.79 1.16
C PHE A 141 7.53 -8.08 0.21
N LEU A 142 7.46 -8.44 -1.09
CA LEU A 142 8.39 -7.93 -2.08
C LEU A 142 7.72 -7.10 -3.19
N GLY A 143 6.52 -6.61 -2.91
CA GLY A 143 5.78 -5.79 -3.85
C GLY A 143 5.03 -6.61 -4.87
N LYS A 144 4.09 -5.97 -5.57
CA LYS A 144 3.31 -6.60 -6.64
C LYS A 144 2.79 -7.98 -6.26
N ASN A 145 2.20 -8.11 -5.04
CA ASN A 145 1.61 -9.36 -4.53
C ASN A 145 2.58 -10.54 -4.32
N ALA A 146 3.91 -10.27 -4.30
CA ALA A 146 4.92 -11.30 -4.10
C ALA A 146 5.31 -11.38 -2.63
N TYR A 147 5.17 -12.57 -2.05
CA TYR A 147 5.49 -12.85 -0.65
C TYR A 147 6.50 -13.99 -0.70
N GLY A 148 7.74 -13.67 -0.35
CA GLY A 148 8.81 -14.65 -0.42
C GLY A 148 9.56 -14.56 -1.74
N ILE A 149 10.81 -15.01 -1.72
CA ILE A 149 11.71 -14.86 -2.88
C ILE A 149 11.26 -15.60 -4.13
N ALA A 150 10.70 -16.81 -3.99
CA ALA A 150 10.30 -17.55 -5.20
C ALA A 150 9.13 -16.87 -5.92
N ALA A 151 8.18 -16.28 -5.15
CA ALA A 151 7.08 -15.51 -5.73
C ALA A 151 7.65 -14.26 -6.43
N ALA A 152 8.68 -13.61 -5.84
CA ALA A 152 9.26 -12.42 -6.50
C ALA A 152 9.98 -12.79 -7.80
N ALA A 153 10.69 -13.93 -7.80
CA ALA A 153 11.41 -14.39 -9.00
C ALA A 153 10.40 -14.64 -10.14
N LYS A 154 9.28 -15.26 -9.80
CA LYS A 154 8.19 -15.51 -10.76
C LYS A 154 7.53 -14.21 -11.22
N ILE A 155 7.03 -13.38 -10.29
CA ILE A 155 6.33 -12.13 -10.60
C ILE A 155 7.12 -11.08 -11.38
N TYR A 156 8.38 -10.85 -11.04
CA TYR A 156 9.15 -9.81 -11.72
C TYR A 156 9.89 -10.33 -12.95
N TYR A 157 10.32 -11.61 -12.92
CA TYR A 157 11.21 -12.14 -13.98
C TYR A 157 10.77 -13.39 -14.68
N ASN A 158 9.67 -13.99 -14.22
CA ASN A 158 9.11 -15.22 -14.77
C ASN A 158 10.16 -16.33 -14.70
N LYS A 159 10.93 -16.35 -13.60
CA LYS A 159 12.02 -17.29 -13.39
C LYS A 159 11.89 -18.05 -12.08
N SER A 160 12.67 -19.13 -11.95
CA SER A 160 12.82 -19.81 -10.67
C SER A 160 13.97 -19.06 -9.97
N ILE A 161 14.16 -19.23 -8.66
CA ILE A 161 15.25 -18.52 -7.98
C ILE A 161 16.66 -18.88 -8.52
N ASN A 162 16.88 -20.15 -8.94
CA ASN A 162 18.21 -20.51 -9.43
C ASN A 162 18.50 -20.02 -10.86
N GLU A 163 17.50 -19.42 -11.55
CA GLU A 163 17.68 -18.90 -12.90
C GLU A 163 18.04 -17.42 -12.85
N LEU A 164 17.82 -16.76 -11.71
CA LEU A 164 18.11 -15.34 -11.61
C LEU A 164 19.59 -15.04 -11.77
N SER A 165 19.89 -13.88 -12.37
CA SER A 165 21.27 -13.40 -12.46
C SER A 165 21.59 -12.73 -11.11
N ILE A 166 22.86 -12.45 -10.85
CA ILE A 166 23.30 -11.75 -9.65
C ILE A 166 22.60 -10.38 -9.59
N ALA A 167 22.51 -9.67 -10.74
CA ALA A 167 21.82 -8.37 -10.80
C ALA A 167 20.34 -8.47 -10.35
N GLN A 168 19.64 -9.53 -10.80
CA GLN A 168 18.24 -9.79 -10.45
C GLN A 168 18.07 -10.16 -8.99
N MET A 169 19.04 -10.91 -8.43
CA MET A 169 18.97 -11.24 -7.01
C MET A 169 19.15 -9.96 -6.18
N ALA A 170 20.09 -9.08 -6.57
CA ALA A 170 20.31 -7.81 -5.87
C ALA A 170 19.08 -6.90 -5.95
N MET A 171 18.39 -6.92 -7.12
CA MET A 171 17.18 -6.09 -7.28
C MET A 171 16.13 -6.52 -6.27
N ILE A 172 15.88 -7.83 -6.17
CA ILE A 172 14.88 -8.38 -5.25
C ILE A 172 15.26 -8.12 -3.78
N ALA A 173 16.53 -8.33 -3.43
CA ALA A 173 17.01 -8.09 -2.07
C ALA A 173 16.86 -6.62 -1.63
N GLY A 174 16.73 -5.69 -2.58
CA GLY A 174 16.57 -4.28 -2.25
C GLY A 174 15.15 -3.90 -1.90
N LEU A 175 14.20 -4.78 -2.21
CA LEU A 175 12.76 -4.54 -2.01
C LEU A 175 12.17 -4.59 -0.59
N PRO A 176 12.56 -5.55 0.31
CA PRO A 176 11.88 -5.66 1.63
C PRO A 176 11.68 -4.40 2.45
N LYS A 177 12.69 -3.52 2.47
CA LYS A 177 12.69 -2.30 3.26
C LYS A 177 11.57 -1.35 2.86
N ALA A 178 11.37 -1.12 1.54
CA ALA A 178 10.32 -0.22 1.03
C ALA A 178 9.87 -0.72 -0.36
N PRO A 179 8.97 -1.74 -0.42
CA PRO A 179 8.63 -2.33 -1.73
C PRO A 179 7.96 -1.47 -2.78
N SER A 180 7.39 -0.31 -2.39
CA SER A 180 6.78 0.63 -3.31
C SER A 180 7.82 1.68 -3.74
N LYS A 181 8.63 2.17 -2.78
CA LYS A 181 9.69 3.15 -3.02
C LYS A 181 10.76 2.59 -4.00
N TYR A 182 11.12 1.29 -3.85
CA TYR A 182 12.12 0.63 -4.69
C TYR A 182 11.57 -0.24 -5.81
N ASN A 183 10.23 -0.33 -5.94
CA ASN A 183 9.52 -1.11 -6.96
C ASN A 183 10.10 -0.83 -8.37
N PRO A 184 10.72 -1.82 -9.08
CA PRO A 184 11.33 -1.51 -10.40
C PRO A 184 10.35 -1.09 -11.50
N VAL A 185 9.05 -1.33 -11.31
CA VAL A 185 8.00 -0.98 -12.27
C VAL A 185 7.65 0.51 -12.13
N VAL A 186 7.36 0.93 -10.89
CA VAL A 186 6.94 2.28 -10.51
C VAL A 186 8.11 3.24 -10.44
N ASN A 187 9.25 2.81 -9.84
CA ASN A 187 10.44 3.65 -9.69
C ASN A 187 11.73 3.01 -10.26
N PRO A 188 11.85 2.84 -11.62
CA PRO A 188 13.07 2.21 -12.17
C PRO A 188 14.41 2.84 -11.82
N GLU A 189 14.51 4.20 -11.77
CA GLU A 189 15.78 4.88 -11.47
C GLU A 189 16.26 4.59 -10.04
N ARG A 190 15.34 4.75 -9.07
CA ARG A 190 15.55 4.50 -7.63
C ARG A 190 15.83 3.02 -7.39
N ALA A 191 15.05 2.12 -8.05
CA ALA A 191 15.24 0.66 -7.96
C ALA A 191 16.64 0.26 -8.42
N LEU A 192 17.13 0.88 -9.53
CA LEU A 192 18.47 0.61 -10.08
C LEU A 192 19.55 1.15 -9.16
N GLU A 193 19.35 2.35 -8.59
CA GLU A 193 20.29 2.98 -7.65
C GLU A 193 20.43 2.01 -6.46
N ARG A 194 19.29 1.51 -5.94
CA ARG A 194 19.23 0.56 -4.82
C ARG A 194 19.95 -0.76 -5.20
N ARG A 195 19.61 -1.33 -6.37
CA ARG A 195 20.26 -2.54 -6.88
C ARG A 195 21.78 -2.37 -6.97
N ASN A 196 22.25 -1.27 -7.60
CA ASN A 196 23.68 -1.02 -7.77
C ASN A 196 24.42 -0.79 -6.49
N TRP A 197 23.75 -0.19 -5.50
CA TRP A 197 24.37 0.03 -4.19
C TRP A 197 24.61 -1.35 -3.52
N ILE A 198 23.58 -2.25 -3.61
CA ILE A 198 23.68 -3.62 -3.07
C ILE A 198 24.77 -4.40 -3.78
N LEU A 199 24.82 -4.30 -5.12
CA LEU A 199 25.92 -4.93 -5.89
C LEU A 199 27.29 -4.43 -5.44
N GLY A 200 27.39 -3.15 -5.16
CA GLY A 200 28.63 -2.54 -4.66
C GLY A 200 29.03 -3.10 -3.30
N ARG A 201 28.03 -3.32 -2.41
CA ARG A 201 28.27 -3.89 -1.09
C ARG A 201 28.62 -5.37 -1.20
N MET A 202 27.97 -6.12 -2.12
CA MET A 202 28.31 -7.53 -2.37
C MET A 202 29.78 -7.62 -2.81
N LEU A 203 30.24 -6.67 -3.65
CA LEU A 203 31.65 -6.61 -4.06
C LEU A 203 32.58 -6.31 -2.85
N GLN A 204 32.27 -5.24 -2.06
CA GLN A 204 33.04 -4.81 -0.87
C GLN A 204 33.18 -5.95 0.13
N LEU A 205 32.06 -6.70 0.37
CA LEU A 205 31.97 -7.81 1.30
C LEU A 205 32.63 -9.11 0.79
N GLY A 206 33.06 -9.12 -0.47
CA GLY A 206 33.70 -10.29 -1.06
C GLY A 206 32.75 -11.41 -1.45
N TYR A 207 31.42 -11.14 -1.55
CA TYR A 207 30.43 -12.16 -1.93
C TYR A 207 30.49 -12.42 -3.43
N ILE A 208 30.88 -11.40 -4.21
CA ILE A 208 31.04 -11.50 -5.66
C ILE A 208 32.40 -10.94 -6.06
N SER A 209 32.89 -11.35 -7.22
CA SER A 209 34.17 -10.89 -7.76
C SER A 209 33.96 -9.57 -8.54
N GLN A 210 35.09 -8.89 -8.90
CA GLN A 210 35.05 -7.64 -9.67
CA GLN A 210 35.04 -7.64 -9.68
C GLN A 210 34.40 -7.94 -11.03
N ALA A 211 34.72 -9.11 -11.63
CA ALA A 211 34.16 -9.54 -12.92
C ALA A 211 32.64 -9.66 -12.80
N GLU A 212 32.16 -10.38 -11.78
CA GLU A 212 30.73 -10.58 -11.53
C GLU A 212 30.03 -9.25 -11.29
N TYR A 213 30.67 -8.34 -10.53
CA TYR A 213 30.16 -7.00 -10.28
C TYR A 213 29.98 -6.17 -11.56
N GLN A 214 31.04 -6.03 -12.38
CA GLN A 214 31.00 -5.28 -13.64
C GLN A 214 29.89 -5.79 -14.57
N LYS A 215 29.74 -7.13 -14.67
CA LYS A 215 28.70 -7.76 -15.46
C LYS A 215 27.31 -7.37 -14.90
N ALA A 216 27.13 -7.50 -13.58
CA ALA A 216 25.86 -7.22 -12.90
C ALA A 216 25.43 -5.74 -12.99
N VAL A 217 26.33 -4.76 -12.66
CA VAL A 217 25.96 -3.34 -12.76
C VAL A 217 25.56 -2.87 -14.15
N ALA A 218 26.21 -3.43 -15.20
CA ALA A 218 25.94 -3.10 -16.60
C ALA A 218 24.62 -3.68 -17.09
N GLU A 219 24.06 -4.65 -16.36
CA GLU A 219 22.83 -5.32 -16.71
C GLU A 219 21.63 -4.39 -16.61
N PRO A 220 20.75 -4.32 -17.64
CA PRO A 220 19.54 -3.48 -17.50
C PRO A 220 18.55 -4.17 -16.54
N ILE A 221 17.50 -3.43 -16.10
CA ILE A 221 16.45 -3.97 -15.20
C ILE A 221 15.94 -5.34 -15.70
N ASN A 222 15.63 -5.46 -17.02
CA ASN A 222 15.20 -6.70 -17.66
C ASN A 222 14.00 -7.37 -17.00
N LEU A 223 12.96 -6.60 -16.70
CA LEU A 223 11.74 -7.17 -16.13
C LEU A 223 11.07 -8.05 -17.18
N ASN A 224 10.52 -9.19 -16.75
CA ASN A 224 9.80 -10.13 -17.61
C ASN A 224 8.62 -10.58 -16.77
N MET A 225 7.58 -9.73 -16.71
CA MET A 225 6.47 -9.98 -15.81
C MET A 225 5.36 -10.78 -16.43
N PRO A 226 5.10 -12.01 -15.94
CA PRO A 226 3.99 -12.80 -16.48
C PRO A 226 2.63 -12.21 -16.07
N ASN A 227 1.65 -12.31 -16.97
CA ASN A 227 0.30 -11.87 -16.65
C ASN A 227 -0.30 -12.91 -15.69
N ARG A 228 -0.80 -12.46 -14.55
CA ARG A 228 -1.40 -13.38 -13.58
C ARG A 228 -2.93 -13.32 -13.59
N ASP A 229 -3.50 -12.53 -14.52
CA ASP A 229 -4.95 -12.44 -14.73
C ASP A 229 -5.24 -13.04 -16.11
N LEU A 230 -5.73 -14.29 -16.12
CA LEU A 230 -6.02 -15.04 -17.34
C LEU A 230 -7.49 -14.87 -17.64
N ASN A 231 -7.82 -14.18 -18.73
CA ASN A 231 -9.21 -13.89 -19.12
C ASN A 231 -9.28 -13.68 -20.65
N ASN A 232 -9.02 -14.74 -21.39
CA ASN A 232 -8.94 -14.70 -22.85
C ASN A 232 -10.03 -15.47 -23.57
N ILE A 233 -10.99 -16.08 -22.85
CA ILE A 233 -12.04 -16.87 -23.50
C ILE A 233 -13.31 -16.06 -23.71
N HIS A 234 -13.91 -15.56 -22.60
CA HIS A 234 -15.14 -14.75 -22.65
C HIS A 234 -14.86 -13.56 -21.73
N PRO A 235 -14.05 -12.61 -22.22
CA PRO A 235 -13.54 -11.53 -21.35
C PRO A 235 -14.51 -10.70 -20.54
N TYR A 236 -15.66 -10.30 -21.12
CA TYR A 236 -16.61 -9.51 -20.34
C TYR A 236 -17.19 -10.31 -19.20
N ALA A 237 -17.32 -11.63 -19.38
CA ALA A 237 -17.88 -12.49 -18.35
C ALA A 237 -16.86 -12.66 -17.20
N GLY A 238 -15.61 -12.93 -17.55
CA GLY A 238 -14.55 -13.03 -16.56
C GLY A 238 -14.39 -11.76 -15.76
N GLU A 239 -14.32 -10.60 -16.46
CA GLU A 239 -14.17 -9.29 -15.82
C GLU A 239 -15.38 -8.90 -14.97
N MET A 240 -16.61 -9.28 -15.38
CA MET A 240 -17.76 -8.95 -14.53
C MET A 240 -17.59 -9.54 -13.11
N VAL A 241 -17.12 -10.77 -13.03
CA VAL A 241 -16.90 -11.44 -11.75
C VAL A 241 -15.80 -10.73 -10.95
N ARG A 242 -14.65 -10.48 -11.58
CA ARG A 242 -13.51 -9.83 -10.90
C ARG A 242 -13.83 -8.41 -10.45
N SER A 243 -14.34 -7.58 -11.38
CA SER A 243 -14.67 -6.17 -11.14
C SER A 243 -15.72 -6.02 -10.01
N GLU A 244 -16.80 -6.83 -10.05
CA GLU A 244 -17.86 -6.75 -9.04
C GLU A 244 -17.38 -7.16 -7.65
N LEU A 245 -16.66 -8.29 -7.55
CA LEU A 245 -16.12 -8.77 -6.27
C LEU A 245 -15.15 -7.76 -5.64
N VAL A 246 -14.25 -7.15 -6.44
CA VAL A 246 -13.31 -6.15 -5.93
C VAL A 246 -14.06 -4.88 -5.50
N LYS A 247 -15.07 -4.46 -6.29
CA LYS A 247 -15.88 -3.27 -6.02
C LYS A 247 -16.60 -3.36 -4.65
N HIS A 248 -17.19 -4.52 -4.37
CA HIS A 248 -17.94 -4.71 -3.13
C HIS A 248 -17.11 -5.22 -1.95
N PHE A 249 -16.04 -6.00 -2.21
CA PHE A 249 -15.26 -6.65 -1.12
C PHE A 249 -13.74 -6.42 -1.09
N GLY A 250 -13.20 -5.61 -2.02
CA GLY A 250 -11.76 -5.33 -2.08
C GLY A 250 -10.88 -6.46 -2.59
N GLU A 251 -9.56 -6.21 -2.67
CA GLU A 251 -8.57 -7.18 -3.17
C GLU A 251 -8.54 -8.58 -2.51
N GLN A 252 -9.01 -8.72 -1.26
CA GLN A 252 -9.09 -10.01 -0.53
C GLN A 252 -10.00 -10.99 -1.26
N ALA A 253 -10.93 -10.44 -2.10
CA ALA A 253 -11.85 -11.22 -2.91
C ALA A 253 -11.08 -12.14 -3.85
N ILE A 254 -9.98 -11.64 -4.44
CA ILE A 254 -9.12 -12.38 -5.34
C ILE A 254 -8.25 -13.38 -4.58
N ASP A 255 -7.70 -12.99 -3.41
CA ASP A 255 -6.83 -13.83 -2.58
C ASP A 255 -7.54 -15.03 -1.97
N SER A 256 -8.90 -14.96 -1.90
CA SER A 256 -9.76 -16.01 -1.34
C SER A 256 -9.56 -17.38 -1.99
N GLY A 257 -9.21 -17.39 -3.28
CA GLY A 257 -9.02 -18.61 -4.06
C GLY A 257 -10.32 -19.34 -4.35
N TYR A 258 -11.45 -18.62 -4.21
CA TYR A 258 -12.80 -19.16 -4.44
C TYR A 258 -13.02 -19.51 -5.90
N LYS A 259 -13.90 -20.49 -6.16
CA LYS A 259 -14.28 -20.91 -7.52
C LYS A 259 -15.72 -20.41 -7.69
N VAL A 260 -15.90 -19.45 -8.60
CA VAL A 260 -17.18 -18.80 -8.84
C VAL A 260 -17.85 -19.46 -10.03
N TYR A 261 -18.94 -20.16 -9.78
CA TYR A 261 -19.69 -20.85 -10.81
C TYR A 261 -20.81 -19.90 -11.20
N THR A 262 -20.65 -19.33 -12.39
CA THR A 262 -21.56 -18.31 -12.93
C THR A 262 -22.76 -18.94 -13.62
N THR A 263 -23.72 -18.07 -13.93
CA THR A 263 -24.97 -18.41 -14.65
C THR A 263 -24.73 -18.31 -16.17
N ILE A 264 -23.55 -17.81 -16.57
CA ILE A 264 -23.18 -17.63 -18.00
C ILE A 264 -23.24 -18.91 -18.80
N ASN A 265 -24.00 -18.91 -19.89
CA ASN A 265 -24.11 -20.05 -20.78
C ASN A 265 -23.00 -19.87 -21.82
N ALA A 266 -21.98 -20.77 -21.82
CA ALA A 266 -20.80 -20.63 -22.70
C ALA A 266 -21.13 -20.43 -24.18
N LYS A 267 -21.99 -21.29 -24.73
CA LYS A 267 -22.43 -21.25 -26.12
C LYS A 267 -23.07 -19.90 -26.44
N ARG A 268 -23.99 -19.44 -25.56
CA ARG A 268 -24.71 -18.18 -25.75
C ARG A 268 -23.80 -17.00 -25.62
N GLN A 269 -22.83 -17.06 -24.68
CA GLN A 269 -21.85 -15.99 -24.55
C GLN A 269 -21.05 -15.84 -25.84
N ALA A 270 -20.61 -16.97 -26.46
CA ALA A 270 -19.84 -16.96 -27.73
C ALA A 270 -20.66 -16.34 -28.85
N ILE A 271 -21.94 -16.73 -28.93
CA ILE A 271 -22.87 -16.19 -29.94
C ILE A 271 -22.97 -14.66 -29.78
N ALA A 272 -23.19 -14.20 -28.54
CA ALA A 272 -23.35 -12.79 -28.20
C ALA A 272 -22.14 -11.96 -28.60
N GLU A 273 -20.93 -12.43 -28.27
CA GLU A 273 -19.68 -11.70 -28.60
C GLU A 273 -19.57 -11.46 -30.11
N LYS A 274 -19.84 -12.52 -30.89
CA LYS A 274 -19.78 -12.45 -32.35
C LYS A 274 -20.88 -11.56 -32.95
N ALA A 275 -22.11 -11.65 -32.41
CA ALA A 275 -23.27 -10.86 -32.87
C ALA A 275 -23.02 -9.37 -32.65
N VAL A 276 -22.46 -9.00 -31.48
CA VAL A 276 -22.15 -7.60 -31.23
C VAL A 276 -21.03 -7.10 -32.16
N GLN A 277 -19.93 -7.86 -32.26
CA GLN A 277 -18.79 -7.50 -33.13
C GLN A 277 -19.25 -7.23 -34.58
N ASP A 278 -19.98 -8.19 -35.17
CA ASP A 278 -20.54 -8.11 -36.53
C ASP A 278 -21.52 -6.96 -36.69
N GLY A 279 -22.42 -6.76 -35.72
CA GLY A 279 -23.42 -5.68 -35.79
C GLY A 279 -22.81 -4.29 -35.77
N LEU A 280 -21.79 -4.09 -34.90
CA LEU A 280 -21.12 -2.79 -34.82
C LEU A 280 -20.31 -2.52 -36.09
N GLU A 281 -19.72 -3.56 -36.70
CA GLU A 281 -18.95 -3.44 -37.95
C GLU A 281 -19.87 -3.10 -39.12
N ALA A 282 -21.09 -3.69 -39.16
CA ALA A 282 -22.04 -3.38 -40.22
C ALA A 282 -22.43 -1.90 -40.15
N TYR A 283 -22.72 -1.37 -38.94
CA TYR A 283 -23.00 0.06 -38.78
C TYR A 283 -21.76 0.87 -39.23
N ASP A 284 -20.61 0.55 -38.63
CA ASP A 284 -19.37 1.27 -38.89
C ASP A 284 -19.04 1.40 -40.38
N ARG A 285 -19.16 0.29 -41.13
CA ARG A 285 -18.86 0.24 -42.57
C ARG A 285 -19.75 1.17 -43.41
N ARG A 286 -21.07 1.20 -43.11
CA ARG A 286 -22.06 2.06 -43.80
C ARG A 286 -21.67 3.51 -43.64
N HIS A 287 -21.09 3.86 -42.50
CA HIS A 287 -20.75 5.23 -42.16
C HIS A 287 -19.43 5.76 -42.68
N GLY A 288 -18.67 4.88 -43.33
CA GLY A 288 -17.42 5.22 -44.00
C GLY A 288 -16.12 5.12 -43.22
N TRP A 289 -15.02 5.14 -43.99
CA TRP A 289 -13.64 5.12 -43.54
C TRP A 289 -13.33 6.46 -42.86
N ARG A 290 -12.87 6.41 -41.62
CA ARG A 290 -12.57 7.57 -40.79
C ARG A 290 -11.06 7.82 -40.66
N GLY A 291 -10.30 7.23 -41.58
CA GLY A 291 -8.84 7.38 -41.60
C GLY A 291 -8.15 6.43 -40.66
N ALA A 292 -6.82 6.40 -40.68
CA ALA A 292 -6.05 5.52 -39.80
C ALA A 292 -6.33 5.76 -38.32
N GLU A 293 -6.22 4.70 -37.51
CA GLU A 293 -6.39 4.71 -36.06
C GLU A 293 -5.42 5.70 -35.40
N ALA A 294 -4.19 5.78 -35.92
CA ALA A 294 -3.18 6.69 -35.43
C ALA A 294 -2.18 7.02 -36.58
N HIS A 295 -1.36 8.02 -36.38
CA HIS A 295 -0.37 8.39 -37.39
C HIS A 295 0.94 8.68 -36.71
N ASP A 296 2.02 8.03 -37.16
CA ASP A 296 3.36 8.22 -36.58
C ASP A 296 3.37 7.96 -35.07
N LYS A 297 2.92 6.76 -34.68
CA LYS A 297 2.88 6.29 -33.30
C LYS A 297 3.56 4.92 -33.20
N PRO A 298 4.14 4.54 -32.04
CA PRO A 298 4.86 3.26 -31.96
C PRO A 298 3.91 2.07 -32.05
N LEU A 299 4.18 1.15 -33.00
CA LEU A 299 3.30 -0.02 -33.22
C LEU A 299 3.12 -0.87 -31.95
N SER A 300 4.13 -0.91 -31.05
CA SER A 300 4.06 -1.67 -29.81
C SER A 300 2.97 -1.17 -28.82
N GLU A 301 2.44 0.05 -29.05
CA GLU A 301 1.39 0.63 -28.19
C GLU A 301 -0.01 0.15 -28.54
N PHE A 302 -0.13 -0.63 -29.61
CA PHE A 302 -1.42 -1.12 -30.10
C PHE A 302 -1.61 -2.60 -29.81
N ARG A 303 -2.87 -3.03 -29.68
CA ARG A 303 -3.15 -4.43 -29.37
C ARG A 303 -4.04 -5.07 -30.39
N ALA A 304 -3.79 -6.35 -30.67
CA ALA A 304 -4.63 -7.10 -31.59
C ALA A 304 -5.88 -7.56 -30.80
N TYR A 305 -7.06 -7.45 -31.42
CA TYR A 305 -8.33 -7.92 -30.85
C TYR A 305 -9.43 -7.95 -31.91
N ALA A 306 -10.50 -8.74 -31.64
CA ALA A 306 -11.65 -8.87 -32.53
C ALA A 306 -11.25 -9.22 -33.96
N ASN A 307 -10.26 -10.12 -34.09
CA ASN A 307 -9.73 -10.57 -35.39
C ASN A 307 -9.24 -9.38 -36.27
N THR A 308 -8.64 -8.39 -35.60
CA THR A 308 -8.03 -7.22 -36.25
C THR A 308 -6.63 -7.18 -35.71
N TYR A 309 -5.69 -6.78 -36.56
CA TYR A 309 -4.28 -6.77 -36.24
C TYR A 309 -3.71 -5.39 -36.58
N PRO A 310 -3.13 -4.65 -35.60
CA PRO A 310 -2.58 -3.32 -35.91
C PRO A 310 -1.32 -3.45 -36.77
N ALA A 311 -1.18 -2.58 -37.74
CA ALA A 311 -0.03 -2.58 -38.66
C ALA A 311 0.34 -1.16 -39.02
N GLN A 312 1.62 -0.96 -39.38
CA GLN A 312 2.13 0.35 -39.75
C GLN A 312 2.38 0.37 -41.23
N VAL A 313 1.74 1.32 -41.92
CA VAL A 313 1.89 1.50 -43.36
C VAL A 313 3.35 1.92 -43.63
N THR A 314 4.01 1.20 -44.55
CA THR A 314 5.43 1.47 -44.88
C THR A 314 5.63 1.92 -46.31
N LYS A 315 4.69 1.56 -47.21
CA LYS A 315 4.75 1.91 -48.64
C LYS A 315 3.33 1.95 -49.19
N VAL A 316 2.98 3.04 -49.91
CA VAL A 316 1.69 3.22 -50.54
C VAL A 316 1.93 3.24 -52.06
N ASN A 317 1.30 2.31 -52.80
CA ASN A 317 1.38 2.25 -54.26
C ASN A 317 0.09 2.82 -54.85
N SER A 318 -0.08 2.75 -56.19
CA SER A 318 -1.28 3.27 -56.85
C SER A 318 -2.60 2.64 -56.36
N SER A 319 -2.65 1.30 -56.23
CA SER A 319 -3.86 0.60 -55.79
C SER A 319 -3.60 -0.46 -54.71
N SER A 320 -2.42 -0.42 -54.08
CA SER A 320 -2.02 -1.34 -53.03
C SER A 320 -1.13 -0.64 -52.01
N PHE A 321 -0.91 -1.26 -50.84
CA PHE A 321 -0.01 -0.77 -49.79
C PHE A 321 0.64 -1.88 -49.01
N GLU A 322 1.83 -1.61 -48.46
CA GLU A 322 2.58 -2.54 -47.63
C GLU A 322 2.53 -2.05 -46.21
N ALA A 323 2.50 -3.00 -45.26
CA ALA A 323 2.39 -2.70 -43.86
C ALA A 323 3.14 -3.69 -43.00
N LEU A 324 3.79 -3.16 -41.97
CA LEU A 324 4.58 -3.91 -41.01
C LEU A 324 3.66 -4.41 -39.88
N MET A 325 3.69 -5.73 -39.62
CA MET A 325 2.90 -6.35 -38.56
C MET A 325 3.74 -6.35 -37.29
N GLN A 326 3.08 -6.62 -36.14
CA GLN A 326 3.76 -6.68 -34.86
C GLN A 326 4.76 -7.82 -34.73
N ASP A 327 4.61 -8.90 -35.52
CA ASP A 327 5.58 -10.02 -35.52
C ASP A 327 6.84 -9.72 -36.38
N GLY A 328 6.87 -8.54 -37.01
CA GLY A 328 7.99 -8.07 -37.82
C GLY A 328 7.89 -8.34 -39.29
N SER A 329 6.83 -9.04 -39.72
CA SER A 329 6.59 -9.37 -41.11
C SER A 329 5.97 -8.18 -41.85
N THR A 330 6.08 -8.18 -43.18
CA THR A 330 5.47 -7.15 -44.03
C THR A 330 4.49 -7.81 -44.96
N VAL A 331 3.23 -7.35 -44.92
CA VAL A 331 2.17 -7.88 -45.77
C VAL A 331 1.71 -6.83 -46.76
N THR A 332 1.03 -7.25 -47.84
CA THR A 332 0.51 -6.36 -48.86
C THR A 332 -1.01 -6.45 -48.89
N VAL A 333 -1.66 -5.28 -48.96
CA VAL A 333 -3.11 -5.20 -49.05
C VAL A 333 -3.41 -4.76 -50.47
N GLN A 334 -4.07 -5.64 -51.23
CA GLN A 334 -4.47 -5.39 -52.63
C GLN A 334 -5.71 -4.48 -52.67
N TRP A 335 -6.09 -4.00 -53.86
CA TRP A 335 -7.23 -3.08 -54.02
C TRP A 335 -8.55 -3.57 -53.42
N SER A 336 -8.89 -4.87 -53.62
CA SER A 336 -10.11 -5.50 -53.13
C SER A 336 -10.27 -5.44 -51.60
N GLY A 337 -9.14 -5.30 -50.89
CA GLY A 337 -9.12 -5.20 -49.43
C GLY A 337 -9.27 -3.81 -48.87
N MET A 338 -9.35 -2.77 -49.74
CA MET A 338 -9.46 -1.37 -49.31
C MET A 338 -10.44 -0.50 -50.14
N SER A 339 -10.91 -0.99 -51.31
CA SER A 339 -11.83 -0.24 -52.19
C SER A 339 -13.11 0.32 -51.53
N TRP A 340 -13.57 -0.32 -50.43
CA TRP A 340 -14.75 0.08 -49.65
C TRP A 340 -14.59 1.44 -48.95
N ALA A 341 -13.33 1.91 -48.78
CA ALA A 341 -13.00 3.11 -48.02
C ALA A 341 -13.53 4.50 -48.41
N ARG A 342 -14.86 4.63 -48.62
CA ARG A 342 -15.50 5.93 -48.87
C ARG A 342 -15.30 6.79 -47.61
N PRO A 343 -14.78 8.03 -47.70
CA PRO A 343 -14.51 8.79 -46.47
C PRO A 343 -15.76 9.26 -45.73
N TYR A 344 -15.70 9.28 -44.41
CA TYR A 344 -16.78 9.76 -43.57
C TYR A 344 -16.72 11.30 -43.60
N ARG A 345 -17.87 11.96 -43.81
CA ARG A 345 -17.96 13.42 -43.80
C ARG A 345 -18.64 13.83 -42.50
N ASN A 346 -19.83 13.26 -42.24
CA ASN A 346 -20.62 13.44 -41.03
C ASN A 346 -21.46 12.15 -40.85
N ALA A 347 -22.30 12.08 -39.81
CA ALA A 347 -23.14 10.89 -39.58
C ALA A 347 -24.09 10.57 -40.75
N ASN A 348 -24.41 11.56 -41.61
CA ASN A 348 -25.34 11.38 -42.71
C ASN A 348 -24.70 11.33 -44.09
N SER A 349 -23.43 11.75 -44.17
CA SER A 349 -22.71 11.86 -45.43
C SER A 349 -21.37 11.12 -45.47
N VAL A 350 -21.17 10.39 -46.59
CA VAL A 350 -19.92 9.72 -46.94
C VAL A 350 -19.43 10.34 -48.27
N GLY A 351 -18.13 10.53 -48.39
CA GLY A 351 -17.52 11.09 -49.59
C GLY A 351 -17.49 10.10 -50.73
N ALA A 352 -16.86 10.50 -51.84
CA ALA A 352 -16.73 9.69 -53.06
C ALA A 352 -15.86 8.45 -52.83
N ALA A 353 -16.16 7.35 -53.57
CA ALA A 353 -15.39 6.11 -53.46
C ALA A 353 -13.94 6.33 -53.95
N PRO A 354 -12.93 5.85 -53.19
CA PRO A 354 -11.54 6.07 -53.61
C PRO A 354 -11.12 5.32 -54.87
N SER A 355 -10.24 5.93 -55.67
CA SER A 355 -9.69 5.36 -56.89
C SER A 355 -8.20 4.97 -56.73
N ARG A 356 -7.54 5.47 -55.67
CA ARG A 356 -6.13 5.21 -55.37
C ARG A 356 -5.85 4.96 -53.87
N ALA A 357 -4.75 4.23 -53.56
CA ALA A 357 -4.43 3.92 -52.15
C ALA A 357 -4.04 5.13 -51.31
N SER A 358 -3.45 6.18 -51.94
CA SER A 358 -3.01 7.43 -51.28
C SER A 358 -4.18 8.24 -50.70
N GLN A 359 -5.40 8.04 -51.20
CA GLN A 359 -6.60 8.70 -50.70
C GLN A 359 -7.06 8.08 -49.38
N ILE A 360 -6.65 6.81 -49.13
CA ILE A 360 -7.04 6.01 -47.96
C ILE A 360 -5.99 6.00 -46.84
N VAL A 361 -4.72 5.69 -47.19
CA VAL A 361 -3.62 5.56 -46.22
C VAL A 361 -2.39 6.40 -46.62
N LYS A 362 -1.54 6.68 -45.63
CA LYS A 362 -0.28 7.40 -45.78
C LYS A 362 0.77 6.59 -45.05
N VAL A 363 2.05 6.69 -45.47
CA VAL A 363 3.13 6.00 -44.77
C VAL A 363 3.17 6.55 -43.32
N LYS A 364 3.41 5.64 -42.34
CA LYS A 364 3.46 5.87 -40.89
C LYS A 364 2.07 5.78 -40.22
N ASP A 365 0.99 5.57 -41.03
CA ASP A 365 -0.35 5.37 -40.51
C ASP A 365 -0.38 4.06 -39.75
N ILE A 366 -1.10 4.01 -38.63
CA ILE A 366 -1.32 2.78 -37.90
C ILE A 366 -2.73 2.35 -38.33
N VAL A 367 -2.83 1.24 -39.06
CA VAL A 367 -4.10 0.73 -39.58
C VAL A 367 -4.45 -0.64 -38.95
N ARG A 368 -5.69 -1.12 -39.15
CA ARG A 368 -6.13 -2.41 -38.63
C ARG A 368 -6.32 -3.35 -39.82
N LEU A 369 -5.73 -4.55 -39.76
CA LEU A 369 -5.85 -5.54 -40.83
C LEU A 369 -6.54 -6.84 -40.36
N ARG A 370 -7.27 -7.47 -41.26
CA ARG A 370 -7.97 -8.72 -40.95
C ARG A 370 -7.60 -9.80 -41.98
N PRO A 371 -7.18 -11.01 -41.51
CA PRO A 371 -6.79 -12.06 -42.46
C PRO A 371 -7.96 -12.92 -42.96
N ASN A 372 -7.63 -13.91 -43.82
CA ASN A 372 -8.53 -14.90 -44.43
C ASN A 372 -8.84 -16.02 -43.42
N GLU A 373 -9.79 -16.91 -43.79
CA GLU A 373 -10.28 -18.06 -43.01
C GLU A 373 -9.20 -19.08 -42.57
N ALA A 374 -7.95 -18.89 -43.02
CA ALA A 374 -6.79 -19.73 -42.69
C ALA A 374 -5.50 -18.90 -42.62
N LYS A 375 -5.38 -17.86 -43.49
CA LYS A 375 -4.30 -16.86 -43.70
C LYS A 375 -3.62 -16.97 -45.06
N THR A 376 -4.04 -16.11 -46.02
CA THR A 376 -3.50 -16.02 -47.39
C THR A 376 -3.56 -14.58 -47.94
N ALA A 377 -4.53 -13.78 -47.47
CA ALA A 377 -4.73 -12.39 -47.87
C ALA A 377 -5.18 -11.53 -46.67
N TRP A 378 -4.83 -10.23 -46.70
CA TRP A 378 -5.16 -9.26 -45.65
C TRP A 378 -6.02 -8.17 -46.21
N SER A 379 -7.00 -7.75 -45.42
CA SER A 379 -7.93 -6.71 -45.79
C SER A 379 -7.81 -5.54 -44.83
N LEU A 380 -8.10 -4.32 -45.29
CA LEU A 380 -8.09 -3.13 -44.44
C LEU A 380 -9.45 -3.07 -43.74
N VAL A 381 -9.43 -3.08 -42.41
CA VAL A 381 -10.65 -2.96 -41.62
C VAL A 381 -10.58 -1.72 -40.74
N GLN A 382 -11.61 -1.52 -39.94
CA GLN A 382 -11.76 -0.39 -39.06
C GLN A 382 -12.39 -0.87 -37.78
N VAL A 383 -11.86 -0.41 -36.64
CA VAL A 383 -12.46 -0.72 -35.34
C VAL A 383 -13.58 0.32 -35.17
N PRO A 384 -14.85 -0.11 -34.95
CA PRO A 384 -15.93 0.88 -34.86
C PRO A 384 -15.71 1.92 -33.78
N LYS A 385 -16.15 3.16 -34.04
CA LYS A 385 -16.12 4.22 -33.04
C LYS A 385 -17.43 4.01 -32.23
N VAL A 386 -18.52 3.66 -32.93
CA VAL A 386 -19.79 3.39 -32.26
C VAL A 386 -19.63 2.22 -31.27
N GLN A 387 -20.43 2.25 -30.21
CA GLN A 387 -20.41 1.19 -29.23
C GLN A 387 -21.74 0.43 -29.20
N GLY A 388 -21.72 -0.71 -28.54
CA GLY A 388 -22.89 -1.57 -28.39
C GLY A 388 -22.79 -2.45 -27.19
N GLN A 389 -23.89 -3.13 -26.86
CA GLN A 389 -23.89 -4.07 -25.78
C GLN A 389 -25.01 -5.08 -26.01
N LEU A 390 -24.96 -6.18 -25.27
CA LEU A 390 -25.99 -7.20 -25.26
C LEU A 390 -26.05 -7.77 -23.88
N ILE A 391 -27.26 -7.90 -23.35
CA ILE A 391 -27.51 -8.56 -22.07
C ILE A 391 -28.67 -9.52 -22.27
N ALA A 392 -28.48 -10.79 -21.89
CA ALA A 392 -29.53 -11.83 -21.98
C ALA A 392 -29.69 -12.51 -20.63
N ILE A 393 -30.96 -12.55 -20.17
CA ILE A 393 -31.32 -13.13 -18.86
C ILE A 393 -32.45 -14.15 -18.97
N ASN A 394 -32.47 -15.09 -18.01
CA ASN A 394 -33.56 -16.07 -17.88
C ASN A 394 -34.68 -15.30 -17.12
N PRO A 395 -35.86 -15.10 -17.73
CA PRO A 395 -36.90 -14.28 -17.07
C PRO A 395 -37.55 -14.93 -15.85
N ASN A 396 -37.37 -16.23 -15.69
CA ASN A 396 -37.94 -16.94 -14.54
C ASN A 396 -37.21 -16.65 -13.25
N ASP A 397 -35.92 -16.32 -13.33
CA ASP A 397 -35.12 -16.12 -12.12
C ASP A 397 -34.08 -15.02 -12.18
N GLY A 398 -33.94 -14.35 -13.33
CA GLY A 398 -32.95 -13.28 -13.48
C GLY A 398 -31.52 -13.72 -13.76
N SER A 399 -31.26 -15.05 -13.94
CA SER A 399 -29.91 -15.53 -14.26
C SER A 399 -29.34 -14.88 -15.53
N ILE A 400 -28.14 -14.30 -15.41
CA ILE A 400 -27.49 -13.66 -16.55
C ILE A 400 -26.85 -14.75 -17.43
N GLU A 401 -27.40 -14.93 -18.64
CA GLU A 401 -26.91 -15.98 -19.54
C GLU A 401 -25.80 -15.59 -20.49
N ALA A 402 -25.77 -14.33 -20.91
CA ALA A 402 -24.74 -13.79 -21.81
C ALA A 402 -24.65 -12.32 -21.54
N ILE A 403 -23.42 -11.78 -21.61
CA ILE A 403 -23.22 -10.35 -21.36
C ILE A 403 -22.07 -9.87 -22.21
N VAL A 404 -22.28 -8.79 -22.96
CA VAL A 404 -21.24 -8.20 -23.82
C VAL A 404 -21.29 -6.72 -23.54
N GLY A 405 -20.22 -6.18 -22.99
CA GLY A 405 -20.16 -4.79 -22.55
C GLY A 405 -19.71 -3.74 -23.54
N GLY A 406 -19.32 -4.17 -24.73
CA GLY A 406 -18.84 -3.29 -25.78
C GLY A 406 -18.31 -4.09 -26.95
N TYR A 407 -17.76 -3.41 -27.96
CA TYR A 407 -17.23 -4.08 -29.14
C TYR A 407 -16.24 -5.20 -28.78
N ASN A 408 -15.30 -4.91 -27.88
CA ASN A 408 -14.32 -5.86 -27.41
C ASN A 408 -13.72 -5.37 -26.13
N PHE A 409 -13.53 -6.28 -25.18
CA PHE A 409 -12.98 -6.01 -23.86
C PHE A 409 -11.58 -5.38 -23.95
N TYR A 410 -10.77 -5.85 -24.90
CA TYR A 410 -9.39 -5.38 -25.10
C TYR A 410 -9.29 -4.03 -25.80
N GLN A 411 -10.44 -3.52 -26.27
CA GLN A 411 -10.57 -2.20 -26.85
C GLN A 411 -11.06 -1.30 -25.73
N SER A 412 -12.18 -1.71 -25.08
CA SER A 412 -12.82 -1.01 -23.96
C SER A 412 -13.25 -2.00 -22.87
N LYS A 413 -12.67 -1.88 -21.66
CA LYS A 413 -13.00 -2.71 -20.49
C LYS A 413 -14.35 -2.34 -19.85
N PHE A 414 -14.83 -1.12 -20.10
CA PHE A 414 -16.08 -0.59 -19.56
C PHE A 414 -17.20 -1.53 -19.99
N ASN A 415 -18.06 -1.95 -19.06
CA ASN A 415 -19.19 -2.86 -19.38
C ASN A 415 -20.49 -2.03 -19.48
N ARG A 416 -20.95 -1.76 -20.71
CA ARG A 416 -22.12 -0.93 -20.96
C ARG A 416 -23.45 -1.57 -20.52
N ALA A 417 -23.49 -2.91 -20.43
CA ALA A 417 -24.71 -3.59 -19.96
C ALA A 417 -25.03 -3.22 -18.51
N LEU A 418 -23.96 -3.11 -17.66
CA LEU A 418 -24.06 -2.87 -16.23
C LEU A 418 -23.78 -1.43 -15.79
N GLN A 419 -23.06 -0.64 -16.60
CA GLN A 419 -22.66 0.71 -16.26
C GLN A 419 -22.97 1.78 -17.30
N GLY A 420 -23.46 1.40 -18.48
CA GLY A 420 -23.75 2.35 -19.56
C GLY A 420 -25.10 3.03 -19.48
N TRP A 421 -25.23 4.05 -18.60
CA TRP A 421 -26.49 4.82 -18.43
C TRP A 421 -26.87 5.55 -19.69
N ARG A 422 -28.03 5.20 -20.26
CA ARG A 422 -28.49 5.83 -21.49
C ARG A 422 -29.99 6.06 -21.39
N GLN A 423 -30.52 6.90 -22.25
CA GLN A 423 -31.97 7.06 -22.23
C GLN A 423 -32.56 5.90 -23.03
N PRO A 424 -33.66 5.27 -22.55
CA PRO A 424 -34.27 4.18 -23.33
C PRO A 424 -35.17 4.67 -24.48
N GLY A 425 -35.62 5.92 -24.44
CA GLY A 425 -36.51 6.44 -25.48
C GLY A 425 -37.75 5.57 -25.61
N SER A 426 -38.15 5.24 -26.85
CA SER A 426 -39.38 4.46 -27.09
C SER A 426 -39.32 3.01 -26.53
N THR A 427 -38.12 2.55 -26.08
CA THR A 427 -38.01 1.21 -25.49
C THR A 427 -38.83 1.10 -24.19
N ILE A 428 -39.07 2.25 -23.52
CA ILE A 428 -39.81 2.24 -22.24
C ILE A 428 -41.33 2.12 -22.45
N LYS A 429 -41.82 2.47 -23.65
CA LYS A 429 -43.26 2.56 -23.91
C LYS A 429 -44.08 1.32 -23.48
N PRO A 430 -43.64 0.07 -23.75
CA PRO A 430 -44.47 -1.08 -23.33
C PRO A 430 -44.80 -1.08 -21.81
N PHE A 431 -43.92 -0.52 -20.96
CA PHE A 431 -44.20 -0.49 -19.53
C PHE A 431 -45.39 0.41 -19.23
N LEU A 432 -45.39 1.63 -19.78
CA LEU A 432 -46.48 2.56 -19.56
C LEU A 432 -47.77 2.03 -20.19
N TYR A 433 -47.67 1.47 -21.41
CA TYR A 433 -48.87 0.99 -22.10
C TYR A 433 -49.46 -0.24 -21.37
N ALA A 434 -48.59 -1.05 -20.73
CA ALA A 434 -49.06 -2.20 -19.95
C ALA A 434 -49.85 -1.71 -18.71
N LEU A 435 -49.46 -0.55 -18.16
CA LEU A 435 -50.20 0.04 -17.05
C LEU A 435 -51.57 0.55 -17.49
N ALA A 436 -51.69 0.99 -18.75
CA ALA A 436 -52.99 1.40 -19.34
C ALA A 436 -53.87 0.16 -19.44
N LEU A 437 -53.29 -1.00 -19.83
CA LEU A 437 -54.03 -2.26 -19.87
C LEU A 437 -54.52 -2.65 -18.48
N GLU A 438 -53.67 -2.45 -17.46
CA GLU A 438 -53.97 -2.75 -16.05
C GLU A 438 -55.21 -1.98 -15.58
N ARG A 439 -55.38 -0.77 -16.10
CA ARG A 439 -56.50 0.12 -15.80
C ARG A 439 -57.79 -0.26 -16.55
N GLY A 440 -57.74 -1.26 -17.44
CA GLY A 440 -58.91 -1.71 -18.19
C GLY A 440 -58.91 -1.41 -19.67
N MET A 441 -57.90 -0.69 -20.19
CA MET A 441 -57.85 -0.49 -21.64
C MET A 441 -57.41 -1.80 -22.27
N THR A 442 -57.59 -1.93 -23.60
CA THR A 442 -57.19 -3.19 -24.28
C THR A 442 -56.24 -2.81 -25.42
N PRO A 443 -55.62 -3.80 -26.13
CA PRO A 443 -54.78 -3.46 -27.28
C PRO A 443 -55.55 -2.72 -28.36
N TYR A 444 -56.91 -2.87 -28.37
CA TYR A 444 -57.78 -2.28 -29.37
C TYR A 444 -58.45 -0.94 -29.01
N SER A 445 -58.24 -0.46 -27.78
CA SER A 445 -58.81 0.81 -27.32
C SER A 445 -58.35 1.95 -28.22
N MET A 446 -59.32 2.78 -28.66
CA MET A 446 -58.98 3.91 -29.53
C MET A 446 -58.34 5.02 -28.70
N VAL A 447 -57.16 5.45 -29.12
CA VAL A 447 -56.39 6.51 -28.44
C VAL A 447 -56.09 7.63 -29.42
N ASN A 448 -55.95 8.85 -28.91
CA ASN A 448 -55.78 10.02 -29.73
C ASN A 448 -54.35 10.45 -29.96
N ASP A 449 -53.83 10.31 -31.21
CA ASP A 449 -52.51 10.81 -31.55
C ASP A 449 -52.78 12.21 -32.18
N SER A 450 -52.73 13.24 -31.34
CA SER A 450 -53.06 14.61 -31.76
C SER A 450 -52.22 15.61 -30.98
N PRO A 451 -52.03 16.86 -31.46
CA PRO A 451 -51.24 17.80 -30.67
C PRO A 451 -51.74 17.92 -29.24
N ILE A 452 -50.82 18.12 -28.31
CA ILE A 452 -51.14 18.22 -26.90
C ILE A 452 -50.18 19.16 -26.18
N THR A 453 -50.70 19.89 -25.21
CA THR A 453 -49.91 20.76 -24.37
C THR A 453 -50.24 20.46 -22.92
N ILE A 454 -49.21 20.37 -22.08
CA ILE A 454 -49.35 20.21 -20.64
C ILE A 454 -48.56 21.37 -20.03
N GLY A 455 -49.30 22.42 -19.66
CA GLY A 455 -48.72 23.63 -19.12
C GLY A 455 -47.89 24.37 -20.16
N LYS A 456 -46.57 24.36 -19.97
CA LYS A 456 -45.61 25.00 -20.87
C LYS A 456 -44.92 23.97 -21.76
N TRP A 457 -45.28 22.67 -21.62
CA TRP A 457 -44.67 21.59 -22.36
C TRP A 457 -45.53 21.14 -23.54
N THR A 458 -44.94 21.13 -24.74
CA THR A 458 -45.64 20.70 -25.94
C THR A 458 -44.87 19.54 -26.57
N PRO A 459 -45.16 18.30 -26.14
CA PRO A 459 -44.42 17.15 -26.70
C PRO A 459 -44.80 16.94 -28.18
N LYS A 460 -43.80 16.76 -29.05
CA LYS A 460 -44.12 16.54 -30.47
C LYS A 460 -43.81 15.10 -30.83
N ASN A 461 -44.44 14.61 -31.90
CA ASN A 461 -44.12 13.30 -32.44
C ASN A 461 -42.84 13.46 -33.23
N SER A 462 -41.97 12.47 -33.14
CA SER A 462 -40.65 12.49 -33.80
C SER A 462 -40.73 12.74 -35.30
N ASP A 463 -41.73 12.17 -35.98
CA ASP A 463 -41.88 12.34 -37.42
C ASP A 463 -42.66 13.59 -37.86
N GLY A 464 -43.11 14.41 -36.89
CA GLY A 464 -43.87 15.63 -37.16
C GLY A 464 -45.24 15.40 -37.78
N ARG A 465 -45.81 14.20 -37.61
CA ARG A 465 -47.10 13.81 -38.14
C ARG A 465 -47.98 13.32 -36.96
N TYR A 466 -49.30 13.39 -37.15
CA TYR A 466 -50.30 13.01 -36.16
C TYR A 466 -51.30 12.09 -36.83
N LEU A 467 -51.55 10.93 -36.23
CA LEU A 467 -52.43 9.94 -36.87
C LEU A 467 -53.91 10.01 -36.50
N GLY A 468 -54.25 10.79 -35.48
CA GLY A 468 -55.61 10.86 -34.98
C GLY A 468 -55.98 9.64 -34.14
N MET A 469 -57.25 9.22 -34.18
CA MET A 469 -57.77 8.10 -33.39
C MET A 469 -57.24 6.79 -33.95
N ILE A 470 -56.42 6.09 -33.16
CA ILE A 470 -55.84 4.79 -33.56
C ILE A 470 -55.87 3.77 -32.40
N PRO A 471 -55.79 2.45 -32.70
CA PRO A 471 -55.75 1.46 -31.61
C PRO A 471 -54.50 1.63 -30.76
N LEU A 472 -54.63 1.38 -29.46
CA LEU A 472 -53.51 1.46 -28.50
C LEU A 472 -52.28 0.67 -29.02
N ARG A 473 -52.51 -0.56 -29.52
CA ARG A 473 -51.39 -1.37 -30.05
C ARG A 473 -50.66 -0.71 -31.24
N ARG A 474 -51.40 0.00 -32.10
CA ARG A 474 -50.76 0.68 -33.22
C ARG A 474 -49.96 1.89 -32.69
N ALA A 475 -50.49 2.61 -31.68
CA ALA A 475 -49.76 3.76 -31.08
C ALA A 475 -48.45 3.28 -30.46
N LEU A 476 -48.45 2.07 -29.89
CA LEU A 476 -47.26 1.49 -29.27
C LEU A 476 -46.26 1.08 -30.36
N TYR A 477 -46.77 0.38 -31.41
CA TYR A 477 -45.93 -0.07 -32.53
C TYR A 477 -45.22 1.11 -33.18
N LEU A 478 -45.98 2.18 -33.44
CA LEU A 478 -45.49 3.38 -34.11
C LEU A 478 -44.86 4.39 -33.14
N SER A 479 -44.79 4.05 -31.83
CA SER A 479 -44.17 4.89 -30.80
C SER A 479 -44.66 6.34 -30.85
N ARG A 480 -46.00 6.54 -30.80
CA ARG A 480 -46.61 7.88 -30.88
C ARG A 480 -46.50 8.64 -29.57
N ASN A 481 -45.62 9.64 -29.52
CA ASN A 481 -45.37 10.38 -28.29
C ASN A 481 -46.59 11.01 -27.68
N THR A 482 -47.50 11.58 -28.51
CA THR A 482 -48.66 12.22 -27.91
C THR A 482 -49.59 11.21 -27.23
N VAL A 483 -49.66 10.00 -27.76
CA VAL A 483 -50.47 8.93 -27.16
C VAL A 483 -49.85 8.55 -25.81
N SER A 484 -48.54 8.37 -25.79
CA SER A 484 -47.82 8.01 -24.56
C SER A 484 -48.12 9.02 -23.48
N VAL A 485 -48.07 10.33 -23.82
CA VAL A 485 -48.35 11.36 -22.84
C VAL A 485 -49.80 11.27 -22.33
N ARG A 486 -50.77 11.06 -23.22
CA ARG A 486 -52.19 10.91 -22.84
C ARG A 486 -52.36 9.71 -21.91
N LEU A 487 -51.69 8.59 -22.25
CA LEU A 487 -51.76 7.39 -21.39
C LEU A 487 -51.13 7.64 -20.01
N LEU A 488 -50.06 8.46 -19.96
CA LEU A 488 -49.44 8.81 -18.67
C LEU A 488 -50.41 9.67 -17.82
N GLN A 489 -51.21 10.53 -18.48
CA GLN A 489 -52.20 11.35 -17.79
C GLN A 489 -53.26 10.45 -17.14
N THR A 490 -53.67 9.37 -17.85
CA THR A 490 -54.66 8.39 -17.40
C THR A 490 -54.10 7.53 -16.26
N VAL A 491 -52.93 6.92 -16.49
CA VAL A 491 -52.28 6.02 -15.52
C VAL A 491 -51.83 6.77 -14.27
N GLY A 492 -51.29 7.97 -14.47
CA GLY A 492 -50.73 8.79 -13.41
C GLY A 492 -49.23 8.63 -13.34
N ILE A 493 -48.53 9.74 -13.02
CA ILE A 493 -47.08 9.73 -12.90
C ILE A 493 -46.58 8.78 -11.81
N GLU A 494 -47.18 8.83 -10.62
CA GLU A 494 -46.67 8.03 -9.50
C GLU A 494 -46.82 6.51 -9.68
N ARG A 495 -47.92 6.05 -10.28
CA ARG A 495 -48.07 4.61 -10.57
C ARG A 495 -46.96 4.15 -11.55
N THR A 496 -46.67 4.99 -12.54
CA THR A 496 -45.67 4.70 -13.57
C THR A 496 -44.29 4.63 -12.94
N ARG A 497 -43.95 5.62 -12.11
CA ARG A 497 -42.66 5.65 -11.42
C ARG A 497 -42.49 4.39 -10.55
N GLN A 498 -43.57 3.96 -9.88
CA GLN A 498 -43.57 2.77 -9.03
C GLN A 498 -43.21 1.52 -9.85
N LEU A 499 -43.81 1.37 -11.05
CA LEU A 499 -43.46 0.24 -11.92
C LEU A 499 -41.99 0.27 -12.36
N PHE A 500 -41.49 1.45 -12.73
CA PHE A 500 -40.10 1.65 -13.14
C PHE A 500 -39.16 1.30 -11.99
N MET A 501 -39.50 1.70 -10.76
CA MET A 501 -38.67 1.38 -9.60
C MET A 501 -38.73 -0.12 -9.28
N ASP A 502 -39.88 -0.75 -9.62
CA ASP A 502 -40.17 -2.15 -9.39
C ASP A 502 -39.31 -3.07 -10.18
N PHE A 503 -38.60 -2.57 -11.19
CA PHE A 503 -37.68 -3.40 -11.95
C PHE A 503 -36.26 -2.86 -12.01
N GLY A 504 -35.85 -2.28 -10.89
CA GLY A 504 -34.51 -1.79 -10.65
C GLY A 504 -34.27 -0.33 -10.88
N LEU A 505 -35.07 0.33 -11.78
CA LEU A 505 -34.84 1.74 -12.08
C LEU A 505 -34.61 2.57 -10.84
N GLN A 506 -33.49 3.30 -10.85
CA GLN A 506 -33.04 4.14 -9.74
C GLN A 506 -34.02 5.29 -9.60
N GLU A 507 -34.56 5.48 -8.37
CA GLU A 507 -35.53 6.52 -8.03
C GLU A 507 -35.09 7.94 -8.40
N ASP A 508 -33.85 8.33 -8.00
CA ASP A 508 -33.25 9.65 -8.28
C ASP A 508 -33.13 9.85 -9.79
N GLN A 509 -33.23 8.73 -10.55
CA GLN A 509 -33.08 8.72 -12.00
C GLN A 509 -34.40 8.74 -12.75
N ILE A 510 -35.53 8.88 -12.03
CA ILE A 510 -36.86 8.93 -12.66
C ILE A 510 -37.53 10.26 -12.32
N PRO A 511 -37.65 11.18 -13.29
CA PRO A 511 -38.30 12.48 -13.02
C PRO A 511 -39.77 12.34 -12.61
N ARG A 512 -40.29 13.32 -11.86
CA ARG A 512 -41.69 13.36 -11.47
C ARG A 512 -42.41 14.30 -12.45
N ASN A 513 -42.31 14.00 -13.76
CA ASN A 513 -42.96 14.81 -14.78
C ASN A 513 -43.39 13.94 -15.98
N TYR A 514 -44.04 14.53 -16.96
CA TYR A 514 -44.56 13.80 -18.11
C TYR A 514 -43.52 13.32 -19.15
N THR A 515 -42.26 13.75 -19.03
CA THR A 515 -41.21 13.33 -19.97
C THR A 515 -40.90 11.84 -19.85
N ILE A 516 -41.27 11.21 -18.72
CA ILE A 516 -41.06 9.77 -18.53
C ILE A 516 -41.87 8.94 -19.56
N ALA A 517 -42.94 9.51 -20.14
CA ALA A 517 -43.70 8.81 -21.19
C ALA A 517 -42.84 8.67 -22.47
N LEU A 518 -41.81 9.54 -22.61
CA LEU A 518 -40.92 9.63 -23.76
C LEU A 518 -39.57 8.92 -23.58
N GLY A 519 -39.36 8.31 -22.42
CA GLY A 519 -38.16 7.54 -22.16
C GLY A 519 -36.95 8.38 -21.83
N THR A 520 -37.17 9.37 -20.95
CA THR A 520 -36.15 10.27 -20.37
C THR A 520 -35.49 9.71 -19.11
N PRO A 521 -36.04 8.73 -18.31
CA PRO A 521 -35.22 8.25 -17.17
C PRO A 521 -33.90 7.72 -17.71
N GLN A 522 -32.84 7.79 -16.89
CA GLN A 522 -31.54 7.25 -17.25
C GLN A 522 -31.66 5.83 -16.83
N VAL A 523 -31.29 4.89 -17.72
CA VAL A 523 -31.40 3.49 -17.37
C VAL A 523 -30.15 2.74 -17.76
N LEU A 524 -30.00 1.55 -17.19
CA LEU A 524 -28.98 0.60 -17.58
C LEU A 524 -29.69 -0.46 -18.46
N PRO A 525 -29.00 -1.03 -19.48
CA PRO A 525 -29.60 -2.12 -20.27
C PRO A 525 -30.06 -3.30 -19.40
N ILE A 526 -29.30 -3.65 -18.33
CA ILE A 526 -29.68 -4.74 -17.42
C ILE A 526 -31.05 -4.48 -16.74
N GLN A 527 -31.37 -3.21 -16.45
CA GLN A 527 -32.66 -2.82 -15.84
C GLN A 527 -33.76 -2.99 -16.91
N MET A 528 -33.46 -2.65 -18.18
CA MET A 528 -34.44 -2.85 -19.26
C MET A 528 -34.75 -4.35 -19.43
N ALA A 529 -33.70 -5.23 -19.29
CA ALA A 529 -33.88 -6.68 -19.40
C ALA A 529 -34.79 -7.16 -18.24
N THR A 530 -34.55 -6.64 -17.01
CA THR A 530 -35.40 -6.97 -15.86
C THR A 530 -36.85 -6.55 -16.15
N GLY A 531 -37.02 -5.37 -16.73
CA GLY A 531 -38.33 -4.85 -17.13
C GLY A 531 -39.05 -5.75 -18.10
N TYR A 532 -38.38 -6.14 -19.19
CA TYR A 532 -39.00 -7.01 -20.22
C TYR A 532 -39.25 -8.43 -19.74
N ALA A 533 -38.44 -8.90 -18.77
CA ALA A 533 -38.69 -10.20 -18.14
C ALA A 533 -40.10 -10.24 -17.51
N THR A 534 -40.61 -9.07 -17.06
CA THR A 534 -41.95 -8.93 -16.44
C THR A 534 -43.04 -9.43 -17.44
N PHE A 535 -42.83 -9.14 -18.74
CA PHE A 535 -43.78 -9.60 -19.76
C PHE A 535 -43.60 -11.09 -20.03
N ALA A 536 -42.35 -11.56 -20.10
CA ALA A 536 -42.00 -12.95 -20.42
C ALA A 536 -42.41 -13.91 -19.33
N ASN A 537 -42.35 -13.46 -18.06
CA ASN A 537 -42.61 -14.30 -16.89
C ASN A 537 -44.02 -14.22 -16.30
N GLY A 538 -44.88 -13.39 -16.87
CA GLY A 538 -46.26 -13.30 -16.37
C GLY A 538 -46.56 -12.21 -15.37
N GLY A 539 -45.64 -11.27 -15.21
CA GLY A 539 -45.85 -10.09 -14.37
C GLY A 539 -45.10 -10.05 -13.06
N TYR A 540 -43.95 -10.74 -12.99
CA TYR A 540 -43.18 -10.83 -11.76
C TYR A 540 -41.90 -10.06 -11.80
N ARG A 541 -41.42 -9.66 -10.61
CA ARG A 541 -40.13 -8.97 -10.50
C ARG A 541 -39.04 -9.99 -10.24
N VAL A 542 -38.10 -10.14 -11.19
CA VAL A 542 -36.93 -11.00 -10.95
C VAL A 542 -35.73 -10.09 -10.75
N GLN A 543 -34.67 -10.61 -10.12
CA GLN A 543 -33.47 -9.85 -9.84
C GLN A 543 -32.33 -10.41 -10.67
N PRO A 544 -31.65 -9.61 -11.51
CA PRO A 544 -30.51 -10.15 -12.27
C PRO A 544 -29.41 -10.61 -11.34
N HIS A 545 -28.86 -11.78 -11.64
CA HIS A 545 -27.78 -12.36 -10.85
C HIS A 545 -26.85 -13.15 -11.75
N PHE A 546 -25.55 -13.17 -11.41
CA PHE A 546 -24.60 -13.92 -12.24
C PHE A 546 -23.90 -15.04 -11.46
N ILE A 547 -24.16 -15.19 -10.15
CA ILE A 547 -23.52 -16.28 -9.40
C ILE A 547 -24.50 -17.37 -9.07
N GLN A 548 -24.21 -18.59 -9.56
CA GLN A 548 -25.01 -19.76 -9.25
C GLN A 548 -24.51 -20.30 -7.89
N ARG A 549 -23.19 -20.47 -7.77
CA ARG A 549 -22.61 -20.94 -6.51
C ARG A 549 -21.15 -20.55 -6.41
N ILE A 550 -20.63 -20.61 -5.17
CA ILE A 550 -19.22 -20.38 -4.88
C ILE A 550 -18.75 -21.54 -4.05
N GLU A 551 -17.58 -22.08 -4.41
CA GLU A 551 -16.91 -23.16 -3.69
C GLU A 551 -15.58 -22.62 -3.19
N ASP A 552 -15.10 -23.10 -2.02
CA ASP A 552 -13.78 -22.64 -1.57
C ASP A 552 -12.71 -23.29 -2.48
N ALA A 553 -11.42 -22.97 -2.29
CA ALA A 553 -10.33 -23.54 -3.09
C ALA A 553 -10.29 -25.08 -3.06
N TYR A 554 -10.94 -25.69 -2.06
CA TYR A 554 -10.98 -27.14 -1.86
C TYR A 554 -12.21 -27.86 -2.45
N GLY A 555 -13.22 -27.09 -2.87
CA GLY A 555 -14.42 -27.64 -3.49
C GLY A 555 -15.67 -27.72 -2.64
N LYS A 556 -15.64 -27.11 -1.44
CA LYS A 556 -16.77 -27.08 -0.51
C LYS A 556 -17.69 -25.90 -0.87
N VAL A 557 -19.01 -26.17 -1.07
CA VAL A 557 -19.99 -25.14 -1.40
C VAL A 557 -20.15 -24.15 -0.23
N ILE A 558 -19.75 -22.89 -0.45
CA ILE A 558 -19.83 -21.83 0.55
C ILE A 558 -20.96 -20.82 0.28
N TYR A 559 -21.54 -20.88 -0.94
CA TYR A 559 -22.65 -20.02 -1.32
C TYR A 559 -23.42 -20.72 -2.43
N GLU A 560 -24.75 -20.67 -2.36
CA GLU A 560 -25.65 -21.20 -3.37
C GLU A 560 -26.74 -20.17 -3.58
N ALA A 561 -26.94 -19.75 -4.84
CA ALA A 561 -27.95 -18.76 -5.16
C ALA A 561 -29.33 -19.26 -4.74
N LYS A 562 -30.12 -18.39 -4.13
CA LYS A 562 -31.51 -18.66 -3.77
C LYS A 562 -32.29 -17.50 -4.40
N PRO A 563 -32.43 -17.49 -5.75
CA PRO A 563 -33.10 -16.36 -6.40
C PRO A 563 -34.61 -16.40 -6.20
N GLU A 564 -35.27 -15.26 -6.49
CA GLU A 564 -36.72 -15.13 -6.47
C GLU A 564 -37.21 -15.59 -7.84
N TYR A 565 -38.08 -16.62 -7.86
CA TYR A 565 -38.61 -17.24 -9.06
C TYR A 565 -40.02 -16.78 -9.38
N ALA A 566 -40.27 -16.46 -10.66
CA ALA A 566 -41.61 -16.07 -11.10
C ALA A 566 -42.52 -17.31 -11.01
N CYS A 567 -42.03 -18.45 -11.51
CA CYS A 567 -42.76 -19.71 -11.56
C CYS A 567 -41.94 -20.83 -10.94
N ILE A 568 -42.32 -21.24 -9.74
CA ILE A 568 -41.64 -22.31 -9.01
C ILE A 568 -41.85 -23.70 -9.68
N PRO A 569 -43.09 -24.14 -10.05
CA PRO A 569 -43.22 -25.47 -10.70
C PRO A 569 -42.41 -25.60 -12.00
N CYS A 570 -42.12 -24.45 -12.67
CA CYS A 570 -41.35 -24.35 -13.90
C CYS A 570 -39.86 -24.78 -13.75
N ILE A 571 -39.35 -24.88 -12.52
CA ILE A 571 -37.99 -25.33 -12.24
C ILE A 571 -37.94 -26.85 -12.43
N GLN A 618 -35.92 -24.67 0.14
CA GLN A 618 -37.07 -24.45 -0.73
C GLN A 618 -36.78 -23.34 -1.76
N TYR A 619 -37.82 -22.89 -2.48
CA TYR A 619 -37.70 -21.84 -3.49
C TYR A 619 -38.45 -20.55 -3.10
N ARG A 620 -37.82 -19.39 -3.32
CA ARG A 620 -38.43 -18.10 -2.99
C ARG A 620 -39.35 -17.68 -4.15
N GLN A 621 -40.53 -17.15 -3.82
CA GLN A 621 -41.51 -16.70 -4.81
C GLN A 621 -41.31 -15.21 -5.11
N ALA A 622 -41.15 -14.86 -6.39
CA ALA A 622 -41.01 -13.44 -6.82
C ALA A 622 -42.33 -12.68 -6.60
N GLN A 623 -42.23 -11.37 -6.35
CA GLN A 623 -43.42 -10.55 -6.15
C GLN A 623 -44.06 -10.16 -7.47
N ARG A 624 -45.39 -10.17 -7.50
CA ARG A 624 -46.12 -9.74 -8.69
C ARG A 624 -46.09 -8.18 -8.75
N ILE A 625 -45.73 -7.60 -9.92
CA ILE A 625 -45.65 -6.14 -10.10
C ILE A 625 -46.60 -5.64 -11.20
N LEU A 626 -47.23 -6.59 -11.89
CA LEU A 626 -48.14 -6.30 -12.99
C LEU A 626 -49.21 -7.37 -13.03
N LYS A 627 -50.46 -6.98 -13.31
CA LYS A 627 -51.55 -7.94 -13.44
C LYS A 627 -51.16 -9.02 -14.48
N SER A 628 -51.51 -10.28 -14.22
CA SER A 628 -51.25 -11.36 -15.15
C SER A 628 -51.80 -11.08 -16.57
N SER A 629 -53.06 -10.65 -16.66
CA SER A 629 -53.69 -10.34 -17.95
C SER A 629 -52.96 -9.21 -18.70
N SER A 630 -52.44 -8.20 -17.96
CA SER A 630 -51.72 -7.08 -18.54
C SER A 630 -50.36 -7.53 -19.09
N ALA A 631 -49.62 -8.38 -18.33
CA ALA A 631 -48.34 -8.92 -18.80
C ALA A 631 -48.56 -9.78 -20.07
N TYR A 632 -49.58 -10.64 -20.02
CA TYR A 632 -49.92 -11.51 -21.13
C TYR A 632 -50.33 -10.72 -22.39
N ASP A 633 -51.25 -9.76 -22.24
CA ASP A 633 -51.71 -8.97 -23.38
C ASP A 633 -50.59 -8.12 -23.96
N MET A 634 -49.68 -7.60 -23.09
CA MET A 634 -48.55 -6.83 -23.63
C MET A 634 -47.58 -7.77 -24.38
N ALA A 635 -47.33 -8.96 -23.83
CA ALA A 635 -46.48 -9.94 -24.50
C ALA A 635 -47.03 -10.22 -25.90
N ASN A 636 -48.38 -10.41 -26.01
CA ASN A 636 -48.99 -10.62 -27.34
C ASN A 636 -48.92 -9.43 -28.28
N ILE A 637 -48.98 -8.20 -27.72
CA ILE A 637 -48.82 -7.00 -28.54
C ILE A 637 -47.41 -7.05 -29.13
N LEU A 638 -46.41 -7.33 -28.27
CA LEU A 638 -45.03 -7.39 -28.72
C LEU A 638 -44.74 -8.52 -29.68
N ARG A 639 -45.49 -9.63 -29.56
CA ARG A 639 -45.36 -10.73 -30.50
C ARG A 639 -45.92 -10.27 -31.88
N ASP A 640 -47.08 -9.58 -31.85
CA ASP A 640 -47.72 -9.02 -33.07
C ASP A 640 -46.74 -8.07 -33.75
N VAL A 641 -46.04 -7.22 -32.97
CA VAL A 641 -45.06 -6.26 -33.49
C VAL A 641 -43.90 -6.98 -34.18
N ILE A 642 -43.32 -7.98 -33.50
CA ILE A 642 -42.21 -8.68 -34.10
C ILE A 642 -42.60 -9.59 -35.29
N GLU A 643 -43.81 -10.18 -35.28
CA GLU A 643 -44.23 -11.07 -36.36
C GLU A 643 -44.72 -10.32 -37.59
N HIS A 644 -45.37 -9.15 -37.38
CA HIS A 644 -46.07 -8.48 -38.46
C HIS A 644 -45.61 -7.08 -38.80
N GLY A 645 -44.70 -6.52 -37.99
CA GLY A 645 -44.26 -5.15 -38.20
C GLY A 645 -42.75 -4.95 -38.22
N THR A 646 -41.98 -6.05 -38.19
CA THR A 646 -40.51 -6.06 -38.16
C THR A 646 -39.90 -6.73 -39.41
N ILE A 653 -36.02 -15.54 -38.09
CA ILE A 653 -36.11 -16.60 -37.10
C ILE A 653 -37.45 -17.34 -37.29
N GLY A 654 -37.38 -18.66 -37.47
CA GLY A 654 -38.55 -19.50 -37.68
C GLY A 654 -39.24 -19.90 -36.39
N ARG A 655 -39.66 -18.90 -35.61
CA ARG A 655 -40.31 -19.14 -34.32
C ARG A 655 -41.53 -18.27 -34.15
N SER A 656 -42.51 -18.73 -33.38
CA SER A 656 -43.72 -17.93 -33.14
C SER A 656 -43.92 -17.68 -31.65
N ASP A 657 -42.78 -17.77 -30.89
CA ASP A 657 -42.76 -17.58 -29.46
C ASP A 657 -41.92 -16.34 -29.10
N LEU A 658 -41.86 -15.34 -29.99
CA LEU A 658 -41.05 -14.13 -29.78
C LEU A 658 -41.87 -12.88 -29.77
N GLY A 659 -41.51 -11.99 -28.86
CA GLY A 659 -42.08 -10.65 -28.77
C GLY A 659 -40.92 -9.67 -28.67
N GLY A 660 -41.10 -8.46 -29.21
CA GLY A 660 -40.02 -7.47 -29.15
C GLY A 660 -40.44 -6.07 -29.50
N LYS A 661 -39.59 -5.13 -29.13
CA LYS A 661 -39.85 -3.70 -29.35
C LYS A 661 -38.54 -3.01 -29.74
N THR A 662 -38.57 -2.22 -30.81
CA THR A 662 -37.43 -1.38 -31.19
C THR A 662 -37.45 -0.15 -30.28
N GLY A 663 -36.28 0.43 -30.09
CA GLY A 663 -36.18 1.63 -29.28
C GLY A 663 -35.32 2.67 -29.95
N THR A 664 -35.73 3.92 -29.84
CA THR A 664 -34.99 5.06 -30.41
C THR A 664 -35.11 6.24 -29.49
N THR A 665 -34.10 7.14 -29.51
CA THR A 665 -34.09 8.36 -28.70
C THR A 665 -34.05 9.56 -29.61
N ASN A 666 -34.25 10.76 -29.04
CA ASN A 666 -34.24 12.01 -29.79
C ASN A 666 -32.93 12.12 -30.55
N ASP A 667 -33.04 12.50 -31.85
CA ASP A 667 -31.92 12.68 -32.79
C ASP A 667 -31.17 11.36 -33.05
N ALA A 668 -31.85 10.21 -32.90
CA ALA A 668 -31.25 8.88 -33.09
C ALA A 668 -29.90 8.72 -32.35
N LYS A 669 -29.82 9.20 -31.11
CA LYS A 669 -28.60 9.04 -30.29
C LYS A 669 -28.45 7.62 -29.73
N ASP A 670 -29.50 6.78 -29.84
CA ASP A 670 -29.49 5.41 -29.35
C ASP A 670 -30.37 4.54 -30.23
N ALA A 671 -29.96 3.29 -30.41
CA ALA A 671 -30.74 2.27 -31.10
C ALA A 671 -30.86 1.13 -30.09
N TRP A 672 -32.09 0.66 -29.82
CA TRP A 672 -32.31 -0.40 -28.84
C TRP A 672 -33.18 -1.47 -29.45
N PHE A 673 -33.05 -2.70 -28.94
CA PHE A 673 -34.03 -3.74 -29.25
C PHE A 673 -34.20 -4.55 -27.99
N ALA A 674 -35.43 -4.71 -27.52
CA ALA A 674 -35.70 -5.50 -26.31
C ALA A 674 -36.75 -6.55 -26.71
N GLY A 675 -36.45 -7.80 -26.44
CA GLY A 675 -37.37 -8.85 -26.84
C GLY A 675 -37.10 -10.14 -26.12
N PHE A 676 -38.01 -11.08 -26.29
CA PHE A 676 -37.95 -12.32 -25.54
C PHE A 676 -38.77 -13.43 -26.10
N ASN A 677 -38.51 -14.62 -25.56
CA ASN A 677 -39.42 -15.76 -25.60
C ASN A 677 -39.66 -16.06 -24.11
N GLY A 678 -40.37 -17.14 -23.79
CA GLY A 678 -40.65 -17.50 -22.40
C GLY A 678 -39.45 -17.89 -21.57
N LYS A 679 -38.30 -18.18 -22.22
CA LYS A 679 -37.07 -18.65 -21.54
C LYS A 679 -35.90 -17.70 -21.60
N LEU A 680 -35.98 -16.65 -22.44
CA LEU A 680 -34.82 -15.78 -22.61
C LEU A 680 -35.25 -14.38 -22.99
N VAL A 681 -34.69 -13.39 -22.30
CA VAL A 681 -34.94 -11.99 -22.54
C VAL A 681 -33.61 -11.41 -22.97
N THR A 682 -33.59 -10.70 -24.11
CA THR A 682 -32.37 -10.08 -24.59
C THR A 682 -32.62 -8.63 -24.90
N VAL A 683 -31.69 -7.79 -24.49
CA VAL A 683 -31.72 -6.37 -24.79
C VAL A 683 -30.41 -6.00 -25.49
N THR A 684 -30.50 -5.37 -26.68
CA THR A 684 -29.30 -4.91 -27.40
C THR A 684 -29.38 -3.39 -27.48
N TRP A 685 -28.22 -2.73 -27.55
CA TRP A 685 -28.16 -1.28 -27.67
C TRP A 685 -26.97 -0.91 -28.56
N VAL A 686 -27.10 0.17 -29.34
CA VAL A 686 -26.01 0.69 -30.16
C VAL A 686 -26.03 2.22 -29.97
N GLY A 687 -24.85 2.81 -29.78
CA GLY A 687 -24.75 4.25 -29.67
C GLY A 687 -23.32 4.69 -29.44
N PHE A 688 -23.06 6.00 -29.57
CA PHE A 688 -21.74 6.57 -29.31
C PHE A 688 -21.64 6.92 -27.82
N ASP A 689 -20.51 6.58 -27.18
CA ASP A 689 -20.25 6.85 -25.76
C ASP A 689 -20.41 8.35 -25.45
N GLN A 690 -19.92 9.21 -26.36
CA GLN A 690 -20.10 10.66 -26.30
C GLN A 690 -21.36 10.82 -27.16
N PRO A 691 -22.54 11.06 -26.56
CA PRO A 691 -23.78 11.05 -27.35
C PRO A 691 -23.89 12.06 -28.48
N THR A 692 -23.93 11.51 -29.69
CA THR A 692 -24.02 12.21 -30.96
C THR A 692 -24.91 11.35 -31.84
N THR A 693 -25.56 11.95 -32.84
CA THR A 693 -26.48 11.23 -33.73
C THR A 693 -25.88 10.00 -34.41
N LEU A 694 -26.66 8.92 -34.48
CA LEU A 694 -26.26 7.71 -35.20
C LEU A 694 -26.43 7.97 -36.70
N GLY A 695 -27.28 8.94 -37.01
CA GLY A 695 -27.60 9.34 -38.38
C GLY A 695 -29.10 9.44 -38.63
N ARG A 696 -29.48 10.17 -39.69
CA ARG A 696 -30.88 10.37 -40.08
C ARG A 696 -31.59 9.06 -40.44
N ARG A 697 -30.86 8.10 -41.01
CA ARG A 697 -31.40 6.81 -41.45
C ARG A 697 -31.23 5.75 -40.34
N GLU A 698 -30.90 6.19 -39.12
CA GLU A 698 -30.61 5.27 -38.01
C GLU A 698 -31.65 5.26 -36.88
N TYR A 699 -32.85 5.81 -37.16
CA TYR A 699 -33.97 5.79 -36.22
C TYR A 699 -34.55 4.37 -36.12
N GLY A 700 -35.51 4.18 -35.22
CA GLY A 700 -36.21 2.92 -35.02
C GLY A 700 -35.38 1.72 -34.60
N GLY A 701 -34.28 1.94 -33.86
CA GLY A 701 -33.43 0.86 -33.39
C GLY A 701 -32.77 0.00 -34.46
N ILE A 702 -32.62 0.54 -35.68
CA ILE A 702 -32.11 -0.18 -36.86
C ILE A 702 -30.77 -0.91 -36.62
N ALA A 703 -29.80 -0.24 -35.98
CA ALA A 703 -28.50 -0.87 -35.73
C ALA A 703 -28.54 -2.00 -34.68
N ALA A 704 -29.48 -1.92 -33.72
CA ALA A 704 -29.59 -2.91 -32.62
C ALA A 704 -30.35 -4.19 -33.00
N LEU A 705 -31.33 -4.08 -33.92
CA LEU A 705 -32.16 -5.22 -34.34
C LEU A 705 -31.38 -6.44 -34.88
N PRO A 706 -30.45 -6.33 -35.86
CA PRO A 706 -29.78 -7.55 -36.36
C PRO A 706 -28.94 -8.25 -35.29
N ILE A 707 -28.37 -7.50 -34.35
CA ILE A 707 -27.59 -8.09 -33.27
C ILE A 707 -28.52 -9.00 -32.47
N TRP A 708 -29.73 -8.48 -32.13
CA TRP A 708 -30.72 -9.22 -31.37
C TRP A 708 -31.17 -10.46 -32.17
N ILE A 709 -31.57 -10.27 -33.46
CA ILE A 709 -31.99 -11.37 -34.33
C ILE A 709 -30.91 -12.46 -34.41
N ASN A 710 -29.64 -12.05 -34.66
CA ASN A 710 -28.55 -13.01 -34.78
C ASN A 710 -28.35 -13.78 -33.52
N PHE A 711 -28.36 -13.08 -32.38
CA PHE A 711 -28.20 -13.75 -31.09
C PHE A 711 -29.37 -14.69 -30.82
N MET A 712 -30.61 -14.19 -30.91
CA MET A 712 -31.79 -14.99 -30.56
C MET A 712 -31.97 -16.20 -31.43
N GLY A 713 -31.77 -16.04 -32.74
CA GLY A 713 -31.88 -17.13 -33.70
C GLY A 713 -30.93 -18.27 -33.35
N GLN A 714 -29.69 -17.91 -33.02
CA GLN A 714 -28.68 -18.91 -32.68
C GLN A 714 -28.81 -19.48 -31.28
N ALA A 715 -29.15 -18.64 -30.27
CA ALA A 715 -29.30 -19.09 -28.89
C ALA A 715 -30.52 -20.00 -28.70
N LEU A 716 -31.62 -19.72 -29.41
CA LEU A 716 -32.85 -20.50 -29.27
C LEU A 716 -32.90 -21.74 -30.17
N GLN A 717 -31.94 -21.87 -31.11
CA GLN A 717 -31.83 -23.01 -32.03
C GLN A 717 -31.90 -24.35 -31.27
N GLY A 718 -32.81 -25.21 -31.72
CA GLY A 718 -33.03 -26.53 -31.13
C GLY A 718 -33.80 -26.54 -29.82
N THR A 719 -34.42 -25.41 -29.42
CA THR A 719 -35.22 -25.37 -28.18
C THR A 719 -36.69 -25.35 -28.58
N PRO A 720 -37.59 -25.99 -27.79
CA PRO A 720 -39.02 -25.96 -28.16
C PRO A 720 -39.64 -24.59 -27.93
N ALA A 721 -40.85 -24.38 -28.48
CA ALA A 721 -41.59 -23.14 -28.33
C ALA A 721 -41.83 -22.87 -26.85
N ALA A 722 -41.61 -21.63 -26.42
CA ALA A 722 -41.84 -21.27 -25.02
C ALA A 722 -42.44 -19.89 -24.98
N TRP A 723 -43.71 -19.83 -24.60
CA TRP A 723 -44.42 -18.57 -24.57
C TRP A 723 -44.96 -18.28 -23.16
N VAL A 724 -45.76 -17.25 -23.02
CA VAL A 724 -46.31 -16.74 -21.78
C VAL A 724 -47.62 -17.44 -21.35
N ARG A 725 -47.89 -17.48 -20.04
CA ARG A 725 -49.09 -18.11 -19.52
C ARG A 725 -50.00 -17.09 -18.85
N LEU A 726 -51.32 -17.21 -19.11
CA LEU A 726 -52.35 -16.37 -18.53
C LEU A 726 -52.83 -17.05 -17.23
N GLU A 727 -52.80 -16.32 -16.11
CA GLU A 727 -53.19 -16.83 -14.80
C GLU A 727 -54.03 -15.80 -14.02
N LYS B 19 -1.70 -12.34 19.05
CA LYS B 19 -0.30 -12.78 19.01
C LYS B 19 0.66 -11.67 18.52
N PRO B 20 0.93 -10.64 19.36
CA PRO B 20 1.84 -9.58 18.92
C PRO B 20 3.28 -10.08 19.01
N LEU B 21 4.20 -9.40 18.31
CA LEU B 21 5.63 -9.68 18.42
C LEU B 21 5.95 -9.27 19.88
N GLN B 22 6.64 -10.14 20.63
CA GLN B 22 6.98 -9.79 22.03
C GLN B 22 8.47 -9.65 22.17
N VAL B 23 8.90 -8.72 23.02
CA VAL B 23 10.33 -8.45 23.26
C VAL B 23 10.61 -8.65 24.73
N TYR B 24 11.62 -9.52 25.04
CA TYR B 24 12.02 -9.78 26.42
C TYR B 24 13.45 -9.40 26.64
N THR B 25 13.79 -9.02 27.88
CA THR B 25 15.17 -8.77 28.29
C THR B 25 15.84 -10.15 28.50
N ALA B 26 17.17 -10.14 28.73
CA ALA B 26 17.94 -11.38 29.00
C ALA B 26 17.55 -11.97 30.39
N ASP B 27 16.81 -11.20 31.18
CA ASP B 27 16.38 -11.64 32.51
C ASP B 27 14.88 -11.96 32.55
N ASN B 28 14.30 -12.36 31.38
CA ASN B 28 12.95 -12.85 31.22
C ASN B 28 11.82 -11.82 31.46
N GLN B 29 12.12 -10.52 31.40
CA GLN B 29 11.06 -9.50 31.60
C GLN B 29 10.47 -9.17 30.23
N LEU B 30 9.13 -9.19 30.12
CA LEU B 30 8.48 -8.77 28.88
C LEU B 30 8.57 -7.23 28.90
N ILE B 31 9.23 -6.64 27.90
CA ILE B 31 9.35 -5.17 27.87
C ILE B 31 8.52 -4.47 26.80
N ALA B 32 8.21 -5.21 25.73
CA ALA B 32 7.47 -4.59 24.61
C ALA B 32 6.63 -5.58 23.84
N GLU B 33 5.55 -5.06 23.25
CA GLU B 33 4.66 -5.86 22.39
C GLU B 33 4.29 -5.00 21.19
N TYR B 34 4.42 -5.58 19.98
CA TYR B 34 4.15 -4.90 18.72
C TYR B 34 3.07 -5.62 17.95
N GLY B 35 1.94 -4.94 17.77
CA GLY B 35 0.82 -5.51 17.04
C GLY B 35 1.02 -5.34 15.55
N GLY B 36 0.72 -6.38 14.80
CA GLY B 36 0.82 -6.29 13.36
C GLY B 36 -0.56 -6.40 12.75
N LYS B 37 -0.68 -7.18 11.68
CA LYS B 37 -1.97 -7.42 11.03
C LYS B 37 -2.96 -8.03 12.02
N LEU B 38 -4.20 -7.50 12.04
CA LEU B 38 -5.20 -7.94 12.99
C LEU B 38 -6.47 -8.36 12.29
N SER B 39 -7.01 -9.50 12.73
CA SER B 39 -8.28 -10.04 12.29
C SER B 39 -8.95 -10.66 13.50
N ILE B 40 -10.18 -10.20 13.84
CA ILE B 40 -10.97 -10.70 14.97
C ILE B 40 -12.27 -11.25 14.35
N PRO B 41 -12.38 -12.55 14.04
CA PRO B 41 -13.61 -13.04 13.39
C PRO B 41 -14.83 -12.90 14.31
N VAL B 42 -15.99 -12.62 13.71
CA VAL B 42 -17.26 -12.50 14.41
C VAL B 42 -18.25 -13.44 13.72
N GLU B 43 -19.31 -13.84 14.43
CA GLU B 43 -20.36 -14.66 13.83
C GLU B 43 -21.23 -13.68 13.06
N TYR B 44 -21.61 -14.01 11.81
CA TYR B 44 -22.43 -13.12 10.97
C TYR B 44 -23.68 -12.56 11.66
N LYS B 45 -24.39 -13.41 12.42
CA LYS B 45 -25.60 -13.02 13.15
C LYS B 45 -25.35 -12.11 14.37
N GLN B 46 -24.08 -11.97 14.81
CA GLN B 46 -23.70 -11.08 15.91
C GLN B 46 -23.45 -9.65 15.38
N ILE B 47 -23.56 -9.46 14.05
CA ILE B 47 -23.31 -8.15 13.43
C ILE B 47 -24.55 -7.23 13.51
N PRO B 48 -24.45 -6.01 14.13
CA PRO B 48 -25.60 -5.10 14.15
C PRO B 48 -26.24 -4.88 12.76
N PRO B 49 -27.59 -4.85 12.66
CA PRO B 49 -28.22 -4.67 11.34
C PRO B 49 -27.80 -3.40 10.60
N ASN B 50 -27.53 -2.30 11.32
CA ASN B 50 -27.12 -1.03 10.71
C ASN B 50 -25.75 -1.13 10.04
N PHE B 51 -24.89 -2.04 10.55
CA PHE B 51 -23.55 -2.26 10.02
C PHE B 51 -23.64 -2.91 8.64
N ILE B 52 -24.40 -4.01 8.53
CA ILE B 52 -24.69 -4.73 7.28
C ILE B 52 -25.33 -3.75 6.27
N HIS B 53 -26.27 -2.90 6.75
CA HIS B 53 -26.94 -1.91 5.89
C HIS B 53 -25.98 -0.85 5.38
N ALA B 54 -24.95 -0.49 6.17
CA ALA B 54 -23.95 0.49 5.73
C ALA B 54 -23.19 -0.09 4.51
N PHE B 55 -22.91 -1.42 4.52
CA PHE B 55 -22.25 -2.14 3.44
C PHE B 55 -23.20 -2.27 2.24
N LEU B 56 -24.48 -2.58 2.52
CA LEU B 56 -25.50 -2.73 1.47
C LEU B 56 -25.77 -1.41 0.75
N ALA B 57 -25.49 -0.28 1.42
CA ALA B 57 -25.66 1.08 0.88
C ALA B 57 -24.36 1.68 0.33
N ALA B 58 -23.21 1.00 0.53
CA ALA B 58 -21.88 1.44 0.11
C ALA B 58 -21.69 1.57 -1.40
N GLU B 59 -22.46 0.78 -2.20
CA GLU B 59 -22.37 0.77 -3.66
C GLU B 59 -23.72 0.97 -4.34
N ASP B 60 -23.71 1.62 -5.51
CA ASP B 60 -24.89 1.94 -6.31
C ASP B 60 -25.68 0.72 -6.83
N SER B 61 -25.01 -0.43 -7.05
CA SER B 61 -25.67 -1.62 -7.60
C SER B 61 -25.02 -2.93 -7.18
N SER B 62 -25.79 -4.03 -7.26
CA SER B 62 -25.32 -5.38 -6.95
C SER B 62 -26.01 -6.35 -7.91
N PHE B 63 -25.23 -7.26 -8.53
CA PHE B 63 -25.74 -8.24 -9.50
C PHE B 63 -25.29 -9.68 -9.18
N PHE B 64 -24.85 -9.93 -7.94
CA PHE B 64 -24.38 -11.27 -7.56
C PHE B 64 -25.46 -12.32 -7.64
N ASN B 126 -28.96 -6.47 -1.50
CA ASN B 126 -30.05 -7.31 -1.01
C ASN B 126 -29.52 -8.65 -0.45
N LEU B 127 -30.38 -9.70 -0.41
CA LEU B 127 -30.07 -11.06 0.08
C LEU B 127 -28.79 -11.60 -0.54
N SER B 128 -28.61 -11.36 -1.85
CA SER B 128 -27.46 -11.81 -2.60
C SER B 128 -26.17 -11.22 -2.04
N LYS B 129 -26.07 -9.87 -1.97
CA LYS B 129 -24.87 -9.23 -1.42
C LYS B 129 -24.65 -9.60 0.06
N GLU B 130 -25.74 -9.63 0.87
CA GLU B 130 -25.73 -10.01 2.30
C GLU B 130 -25.03 -11.38 2.51
N ASP B 131 -25.43 -12.41 1.74
CA ASP B 131 -24.86 -13.77 1.80
C ASP B 131 -23.39 -13.84 1.39
N ILE B 132 -22.98 -13.10 0.34
CA ILE B 132 -21.59 -13.08 -0.12
C ILE B 132 -20.74 -12.30 0.91
N LEU B 133 -21.30 -11.19 1.46
CA LEU B 133 -20.60 -10.37 2.47
C LEU B 133 -20.17 -11.22 3.67
N SER B 134 -20.99 -12.23 4.06
CA SER B 134 -20.66 -13.17 5.15
C SER B 134 -19.33 -13.90 4.90
N LEU B 135 -18.98 -14.17 3.63
CA LEU B 135 -17.73 -14.84 3.26
C LEU B 135 -16.51 -13.91 3.35
N TYR B 136 -16.72 -12.59 3.33
CA TYR B 136 -15.67 -11.58 3.33
C TYR B 136 -15.55 -10.67 4.55
N VAL B 137 -16.67 -10.45 5.27
CA VAL B 137 -16.78 -9.55 6.42
C VAL B 137 -15.63 -9.60 7.45
N ASN B 138 -15.08 -10.81 7.71
CA ASN B 138 -13.97 -11.04 8.66
C ASN B 138 -12.57 -10.91 8.05
N LYS B 139 -12.48 -10.68 6.74
CA LYS B 139 -11.17 -10.60 6.09
C LYS B 139 -10.92 -9.37 5.26
N ILE B 140 -11.99 -8.63 4.88
CA ILE B 140 -11.85 -7.41 4.08
C ILE B 140 -10.80 -6.48 4.65
N PHE B 141 -9.84 -6.07 3.82
CA PHE B 141 -8.81 -5.15 4.25
C PHE B 141 -9.41 -3.77 4.38
N LEU B 142 -9.28 -3.16 5.57
CA LEU B 142 -9.88 -1.86 5.90
C LEU B 142 -8.87 -0.78 6.27
N GLY B 143 -7.63 -1.00 5.87
CA GLY B 143 -6.53 -0.09 6.14
C GLY B 143 -5.95 -0.25 7.53
N LYS B 144 -4.79 0.35 7.76
CA LYS B 144 -4.08 0.39 9.04
C LYS B 144 -4.03 -0.97 9.73
N ASN B 145 -3.66 -2.03 8.98
CA ASN B 145 -3.53 -3.40 9.51
C ASN B 145 -4.85 -4.05 9.95
N ALA B 146 -6.00 -3.50 9.53
CA ALA B 146 -7.30 -4.08 9.91
C ALA B 146 -7.83 -4.97 8.82
N TYR B 147 -8.07 -6.25 9.17
CA TYR B 147 -8.63 -7.28 8.29
C TYR B 147 -9.93 -7.74 8.93
N GLY B 148 -11.05 -7.32 8.34
CA GLY B 148 -12.35 -7.64 8.92
C GLY B 148 -12.90 -6.50 9.77
N ILE B 149 -14.23 -6.42 9.87
CA ILE B 149 -14.91 -5.33 10.58
C ILE B 149 -14.52 -5.14 12.06
N ALA B 150 -14.41 -6.23 12.80
CA ALA B 150 -14.04 -6.16 14.23
C ALA B 150 -12.65 -5.60 14.44
N ALA B 151 -11.68 -5.97 13.58
CA ALA B 151 -10.33 -5.41 13.67
C ALA B 151 -10.37 -3.90 13.36
N ALA B 152 -11.21 -3.47 12.38
CA ALA B 152 -11.34 -2.04 12.05
C ALA B 152 -11.94 -1.23 13.21
N ALA B 153 -12.98 -1.78 13.85
CA ALA B 153 -13.68 -1.15 14.98
C ALA B 153 -12.65 -0.99 16.13
N LYS B 154 -11.85 -2.03 16.39
CA LYS B 154 -10.81 -2.00 17.42
C LYS B 154 -9.71 -1.00 17.05
N ILE B 155 -9.11 -1.11 15.85
CA ILE B 155 -8.02 -0.21 15.40
C ILE B 155 -8.39 1.27 15.27
N TYR B 156 -9.52 1.58 14.64
CA TYR B 156 -9.89 2.98 14.43
C TYR B 156 -10.55 3.65 15.65
N TYR B 157 -11.36 2.91 16.40
CA TYR B 157 -12.16 3.51 17.49
C TYR B 157 -12.04 2.89 18.85
N ASN B 158 -11.19 1.84 19.02
CA ASN B 158 -11.06 1.08 20.26
C ASN B 158 -12.45 0.53 20.71
N LYS B 159 -13.27 0.15 19.72
CA LYS B 159 -14.63 -0.32 19.98
C LYS B 159 -14.88 -1.74 19.52
N SER B 160 -15.93 -2.36 20.07
CA SER B 160 -16.44 -3.64 19.58
C SER B 160 -17.44 -3.21 18.48
N ILE B 161 -17.88 -4.14 17.63
CA ILE B 161 -18.78 -3.75 16.53
C ILE B 161 -20.12 -3.16 16.96
N ASN B 162 -20.62 -3.57 18.12
CA ASN B 162 -21.90 -3.11 18.70
C ASN B 162 -21.84 -1.72 19.32
N GLU B 163 -20.63 -1.18 19.55
CA GLU B 163 -20.43 0.15 20.15
C GLU B 163 -20.29 1.23 19.08
N LEU B 164 -20.11 0.84 17.81
CA LEU B 164 -19.97 1.82 16.73
C LEU B 164 -21.25 2.61 16.52
N SER B 165 -21.12 3.91 16.24
CA SER B 165 -22.26 4.75 15.89
C SER B 165 -22.53 4.52 14.39
N ILE B 166 -23.68 5.00 13.89
CA ILE B 166 -24.06 4.91 12.47
C ILE B 166 -23.01 5.60 11.61
N ALA B 167 -22.52 6.77 12.06
CA ALA B 167 -21.48 7.53 11.36
C ALA B 167 -20.19 6.69 11.22
N GLN B 168 -19.84 5.92 12.25
CA GLN B 168 -18.64 5.07 12.31
C GLN B 168 -18.76 3.80 11.47
N MET B 169 -19.98 3.21 11.43
CA MET B 169 -20.29 2.03 10.64
C MET B 169 -20.23 2.40 9.14
N ALA B 170 -20.70 3.62 8.79
CA ALA B 170 -20.71 4.13 7.42
C ALA B 170 -19.27 4.44 6.98
N MET B 171 -18.44 4.93 7.92
CA MET B 171 -17.03 5.21 7.67
C MET B 171 -16.30 3.91 7.28
N ILE B 172 -16.52 2.81 8.06
CA ILE B 172 -15.88 1.51 7.82
C ILE B 172 -16.36 0.88 6.51
N ALA B 173 -17.68 0.95 6.24
CA ALA B 173 -18.29 0.42 5.01
C ALA B 173 -17.74 1.10 3.75
N GLY B 174 -17.27 2.33 3.90
CA GLY B 174 -16.70 3.11 2.80
C GLY B 174 -15.29 2.76 2.39
N LEU B 175 -14.57 2.02 3.25
CA LEU B 175 -13.17 1.63 3.05
C LEU B 175 -12.86 0.44 2.11
N PRO B 176 -13.64 -0.68 2.05
CA PRO B 176 -13.24 -1.84 1.22
C PRO B 176 -12.76 -1.57 -0.20
N LYS B 177 -13.43 -0.65 -0.92
CA LYS B 177 -13.15 -0.26 -2.31
C LYS B 177 -11.73 0.28 -2.48
N ALA B 178 -11.35 1.25 -1.62
CA ALA B 178 -10.03 1.88 -1.62
C ALA B 178 -9.62 2.20 -0.17
N PRO B 179 -8.98 1.24 0.54
CA PRO B 179 -8.63 1.47 1.96
C PRO B 179 -7.50 2.46 2.25
N SER B 180 -7.01 3.16 1.21
CA SER B 180 -5.95 4.16 1.33
C SER B 180 -6.44 5.53 0.83
N LYS B 181 -7.31 5.53 -0.19
CA LYS B 181 -7.89 6.75 -0.76
C LYS B 181 -9.00 7.29 0.14
N TYR B 182 -9.79 6.39 0.76
CA TYR B 182 -10.89 6.73 1.65
C TYR B 182 -10.53 6.60 3.15
N ASN B 183 -9.25 6.32 3.48
CA ASN B 183 -8.73 6.14 4.83
C ASN B 183 -8.90 7.37 5.74
N PRO B 184 -9.44 7.21 6.98
CA PRO B 184 -9.65 8.36 7.87
C PRO B 184 -8.39 8.98 8.51
N VAL B 185 -7.25 8.27 8.48
CA VAL B 185 -6.00 8.74 9.06
C VAL B 185 -5.20 9.59 8.06
N VAL B 186 -4.97 9.05 6.84
CA VAL B 186 -4.21 9.72 5.78
C VAL B 186 -5.03 10.81 5.02
N ASN B 187 -6.34 10.55 4.79
CA ASN B 187 -7.24 11.49 4.10
C ASN B 187 -8.58 11.66 4.86
N PRO B 188 -8.60 12.36 6.03
CA PRO B 188 -9.87 12.52 6.77
C PRO B 188 -10.98 13.28 6.03
N GLU B 189 -10.57 14.27 5.20
CA GLU B 189 -11.48 15.12 4.39
C GLU B 189 -12.23 14.24 3.37
N ARG B 190 -11.49 13.40 2.62
CA ARG B 190 -12.02 12.47 1.61
C ARG B 190 -12.85 11.35 2.26
N ALA B 191 -12.42 10.88 3.45
CA ALA B 191 -13.08 9.83 4.25
C ALA B 191 -14.51 10.23 4.63
N LEU B 192 -14.70 11.48 5.09
CA LEU B 192 -16.00 12.05 5.48
C LEU B 192 -16.95 12.13 4.28
N GLU B 193 -16.43 12.53 3.09
CA GLU B 193 -17.20 12.64 1.84
C GLU B 193 -17.81 11.30 1.43
N ARG B 194 -17.03 10.20 1.57
CA ARG B 194 -17.44 8.83 1.27
C ARG B 194 -18.48 8.36 2.31
N ARG B 195 -18.24 8.67 3.61
CA ARG B 195 -19.12 8.33 4.74
C ARG B 195 -20.51 8.97 4.54
N ASN B 196 -20.54 10.29 4.28
CA ASN B 196 -21.76 11.08 4.06
C ASN B 196 -22.58 10.58 2.89
N TRP B 197 -21.91 10.13 1.80
CA TRP B 197 -22.57 9.58 0.62
C TRP B 197 -23.29 8.26 0.96
N ILE B 198 -22.63 7.38 1.75
CA ILE B 198 -23.19 6.10 2.18
C ILE B 198 -24.35 6.37 3.15
N LEU B 199 -24.17 7.39 4.05
CA LEU B 199 -25.21 7.82 5.01
C LEU B 199 -26.45 8.33 4.27
N GLY B 200 -26.22 9.09 3.19
CA GLY B 200 -27.27 9.60 2.32
C GLY B 200 -28.03 8.48 1.64
N ARG B 201 -27.28 7.43 1.23
CA ARG B 201 -27.85 6.25 0.60
C ARG B 201 -28.57 5.34 1.59
N MET B 202 -28.12 5.34 2.87
CA MET B 202 -28.81 4.56 3.92
C MET B 202 -30.20 5.20 4.14
N LEU B 203 -30.25 6.53 4.16
CA LEU B 203 -31.50 7.29 4.33
C LEU B 203 -32.49 7.00 3.20
N GLN B 204 -32.05 7.12 1.93
CA GLN B 204 -32.93 6.87 0.78
C GLN B 204 -33.43 5.42 0.65
N LEU B 205 -32.67 4.45 1.22
CA LEU B 205 -33.06 3.03 1.21
C LEU B 205 -33.93 2.70 2.44
N GLY B 206 -34.17 3.71 3.28
CA GLY B 206 -34.99 3.59 4.49
C GLY B 206 -34.33 2.82 5.61
N TYR B 207 -32.98 2.68 5.58
CA TYR B 207 -32.22 1.97 6.61
C TYR B 207 -32.12 2.84 7.86
N ILE B 208 -31.99 4.16 7.68
CA ILE B 208 -31.91 5.12 8.78
C ILE B 208 -33.00 6.20 8.69
N SER B 209 -33.29 6.89 9.80
CA SER B 209 -34.29 7.97 9.82
C SER B 209 -33.57 9.28 9.54
N GLN B 210 -34.33 10.34 9.20
CA GLN B 210 -33.80 11.69 8.97
C GLN B 210 -33.04 12.22 10.19
N ALA B 211 -33.53 11.87 11.41
CA ALA B 211 -32.92 12.27 12.69
C ALA B 211 -31.61 11.52 12.87
N GLU B 212 -31.55 10.23 12.47
CA GLU B 212 -30.32 9.42 12.54
C GLU B 212 -29.31 9.98 11.53
N TYR B 213 -29.80 10.35 10.32
CA TYR B 213 -29.01 10.92 9.23
C TYR B 213 -28.36 12.25 9.62
N GLN B 214 -29.15 13.20 10.16
CA GLN B 214 -28.68 14.52 10.59
C GLN B 214 -27.62 14.42 11.69
N LYS B 215 -27.82 13.51 12.68
CA LYS B 215 -26.87 13.28 13.78
C LYS B 215 -25.53 12.70 13.24
N ALA B 216 -25.61 11.66 12.39
CA ALA B 216 -24.45 10.98 11.81
C ALA B 216 -23.59 11.84 10.87
N VAL B 217 -24.24 12.63 9.97
CA VAL B 217 -23.53 13.51 9.02
C VAL B 217 -22.78 14.66 9.75
N ALA B 218 -23.36 15.16 10.86
CA ALA B 218 -22.77 16.22 11.67
C ALA B 218 -21.64 15.71 12.58
N GLU B 219 -21.60 14.37 12.81
CA GLU B 219 -20.60 13.72 13.66
C GLU B 219 -19.17 13.88 13.11
N PRO B 220 -18.17 14.28 13.94
CA PRO B 220 -16.80 14.36 13.43
C PRO B 220 -16.19 12.95 13.30
N ILE B 221 -14.98 12.83 12.69
CA ILE B 221 -14.30 11.53 12.52
C ILE B 221 -14.29 10.65 13.78
N ASN B 222 -14.14 11.28 14.97
CA ASN B 222 -14.16 10.65 16.29
C ASN B 222 -13.22 9.44 16.39
N LEU B 223 -12.00 9.58 15.85
CA LEU B 223 -11.02 8.50 15.89
C LEU B 223 -10.52 8.32 17.33
N ASN B 224 -10.38 7.07 17.77
CA ASN B 224 -9.91 6.72 19.10
C ASN B 224 -9.04 5.46 18.98
N MET B 225 -7.92 5.63 18.31
CA MET B 225 -6.99 4.54 17.97
C MET B 225 -6.16 4.03 19.14
N PRO B 226 -6.35 2.78 19.60
CA PRO B 226 -5.51 2.28 20.70
C PRO B 226 -4.07 2.09 20.23
N ASN B 227 -3.13 2.22 21.16
CA ASN B 227 -1.73 2.03 20.85
C ASN B 227 -1.48 0.54 20.68
N ARG B 228 -0.96 0.16 19.52
CA ARG B 228 -0.66 -1.25 19.34
C ARG B 228 0.85 -1.52 19.36
N ASP B 229 1.65 -0.49 19.72
CA ASP B 229 3.11 -0.56 19.89
C ASP B 229 3.43 -0.28 21.35
N LEU B 230 3.19 -1.27 22.24
CA LEU B 230 3.40 -1.09 23.69
C LEU B 230 4.88 -1.17 24.04
N ASN B 231 5.47 -0.05 24.48
CA ASN B 231 6.93 -0.02 24.72
C ASN B 231 7.25 1.06 25.74
N ASN B 232 6.86 0.81 27.00
CA ASN B 232 6.98 1.85 28.02
C ASN B 232 7.84 1.50 29.20
N ILE B 233 8.65 0.43 29.10
CA ILE B 233 9.53 0.02 30.20
C ILE B 233 10.99 0.43 29.92
N HIS B 234 11.57 -0.03 28.80
CA HIS B 234 12.96 0.31 28.38
C HIS B 234 12.81 0.61 26.89
N PRO B 235 12.24 1.79 26.55
CA PRO B 235 11.85 2.04 25.16
C PRO B 235 12.92 1.92 24.11
N TYR B 236 14.17 2.40 24.37
CA TYR B 236 15.16 2.22 23.30
C TYR B 236 15.42 0.75 23.01
N ALA B 237 15.36 -0.12 24.03
CA ALA B 237 15.62 -1.55 23.80
C ALA B 237 14.44 -2.18 22.99
N GLY B 238 13.18 -1.85 23.35
CA GLY B 238 12.01 -2.34 22.59
C GLY B 238 12.06 -1.89 21.13
N GLU B 239 12.26 -0.59 20.91
CA GLU B 239 12.28 -0.04 19.56
C GLU B 239 13.43 -0.59 18.71
N MET B 240 14.59 -0.88 19.32
CA MET B 240 15.71 -1.44 18.57
C MET B 240 15.24 -2.74 17.87
N VAL B 241 14.54 -3.61 18.57
CA VAL B 241 14.09 -4.87 18.00
C VAL B 241 13.09 -4.61 16.86
N ARG B 242 12.03 -3.82 17.14
CA ARG B 242 10.99 -3.56 16.11
C ARG B 242 11.65 -2.91 14.88
N SER B 243 12.41 -1.83 15.09
CA SER B 243 13.00 -1.10 13.97
C SER B 243 13.95 -1.93 13.11
N GLU B 244 14.81 -2.74 13.77
CA GLU B 244 15.76 -3.57 13.02
C GLU B 244 15.07 -4.68 12.25
N LEU B 245 14.05 -5.33 12.86
CA LEU B 245 13.33 -6.38 12.15
C LEU B 245 12.64 -5.81 10.91
N VAL B 246 11.97 -4.65 11.06
CA VAL B 246 11.25 -4.02 9.94
C VAL B 246 12.22 -3.54 8.83
N LYS B 247 13.40 -2.99 9.20
CA LYS B 247 14.40 -2.50 8.24
C LYS B 247 14.91 -3.67 7.35
N HIS B 248 15.23 -4.82 7.98
CA HIS B 248 15.80 -5.96 7.27
C HIS B 248 14.75 -6.90 6.65
N PHE B 249 13.58 -7.05 7.29
CA PHE B 249 12.57 -8.01 6.83
C PHE B 249 11.20 -7.47 6.48
N GLY B 250 11.01 -6.15 6.55
CA GLY B 250 9.74 -5.52 6.21
C GLY B 250 8.71 -5.68 7.32
N GLU B 251 7.49 -5.14 7.08
CA GLU B 251 6.41 -5.23 8.09
C GLU B 251 5.93 -6.64 8.44
N GLN B 252 6.09 -7.64 7.54
CA GLN B 252 5.70 -9.04 7.80
C GLN B 252 6.44 -9.61 9.03
N ALA B 253 7.61 -9.01 9.39
CA ALA B 253 8.40 -9.41 10.53
C ALA B 253 7.61 -9.25 11.82
N ILE B 254 6.74 -8.24 11.88
CA ILE B 254 5.93 -8.02 13.10
C ILE B 254 4.75 -8.98 13.18
N ASP B 255 4.25 -9.42 12.04
CA ASP B 255 3.05 -10.29 12.01
C ASP B 255 3.28 -11.71 12.51
N SER B 256 4.55 -12.10 12.59
CA SER B 256 5.02 -13.43 12.97
C SER B 256 4.53 -13.92 14.34
N GLY B 257 4.33 -12.99 15.29
CA GLY B 257 3.91 -13.32 16.64
C GLY B 257 5.06 -13.92 17.43
N TYR B 258 6.28 -13.75 16.92
CA TYR B 258 7.45 -14.32 17.59
C TYR B 258 7.75 -13.69 18.95
N LYS B 259 8.44 -14.44 19.82
CA LYS B 259 8.96 -13.94 21.10
C LYS B 259 10.46 -13.76 20.90
N VAL B 260 10.92 -12.52 21.00
CA VAL B 260 12.33 -12.21 20.78
C VAL B 260 12.95 -12.00 22.16
N TYR B 261 13.85 -12.94 22.53
CA TYR B 261 14.60 -12.89 23.79
C TYR B 261 15.92 -12.22 23.52
N THR B 262 16.04 -10.96 23.99
CA THR B 262 17.24 -10.15 23.73
C THR B 262 18.36 -10.42 24.71
N THR B 263 19.51 -9.77 24.45
CA THR B 263 20.71 -9.83 25.28
C THR B 263 20.64 -8.70 26.31
N ILE B 264 19.59 -7.83 26.24
CA ILE B 264 19.57 -6.67 27.16
C ILE B 264 19.49 -7.09 28.64
N ASN B 265 20.40 -6.54 29.46
CA ASN B 265 20.40 -6.77 30.90
C ASN B 265 19.52 -5.65 31.49
N ALA B 266 18.34 -6.03 32.04
CA ALA B 266 17.38 -5.03 32.54
C ALA B 266 17.95 -4.11 33.62
N LYS B 267 18.75 -4.66 34.56
CA LYS B 267 19.35 -3.82 35.60
C LYS B 267 20.30 -2.80 34.95
N ARG B 268 21.15 -3.25 34.02
CA ARG B 268 22.11 -2.35 33.35
C ARG B 268 21.39 -1.34 32.46
N GLN B 269 20.33 -1.78 31.79
CA GLN B 269 19.53 -0.89 30.93
C GLN B 269 18.93 0.25 31.79
N ALA B 270 18.37 -0.08 32.96
CA ALA B 270 17.80 0.94 33.86
C ALA B 270 18.90 1.89 34.34
N ILE B 271 20.10 1.34 34.69
CA ILE B 271 21.20 2.18 35.13
C ILE B 271 21.59 3.13 33.98
N ALA B 272 21.70 2.58 32.75
CA ALA B 272 22.12 3.37 31.58
C ALA B 272 21.15 4.52 31.31
N GLU B 273 19.82 4.26 31.38
CA GLU B 273 18.80 5.28 31.09
C GLU B 273 18.94 6.46 32.07
N LYS B 274 19.08 6.13 33.36
CA LYS B 274 19.26 7.13 34.43
C LYS B 274 20.57 7.88 34.26
N ALA B 275 21.66 7.17 33.94
CA ALA B 275 23.00 7.80 33.80
C ALA B 275 22.99 8.81 32.64
N VAL B 276 22.35 8.47 31.51
CA VAL B 276 22.31 9.43 30.39
C VAL B 276 21.41 10.62 30.80
N GLN B 277 20.21 10.34 31.35
CA GLN B 277 19.31 11.45 31.78
C GLN B 277 20.07 12.39 32.74
N ASP B 278 20.71 11.83 33.78
CA ASP B 278 21.44 12.62 34.77
C ASP B 278 22.58 13.43 34.15
N GLY B 279 23.35 12.78 33.27
CA GLY B 279 24.52 13.38 32.63
C GLY B 279 24.18 14.55 31.74
N LEU B 280 23.10 14.41 30.96
CA LEU B 280 22.67 15.49 30.07
C LEU B 280 22.08 16.63 30.88
N GLU B 281 21.37 16.31 31.98
CA GLU B 281 20.88 17.39 32.87
C GLU B 281 22.04 18.13 33.53
N ALA B 282 23.11 17.39 33.94
CA ALA B 282 24.27 18.05 34.57
C ALA B 282 24.90 19.04 33.59
N TYR B 283 25.09 18.62 32.32
CA TYR B 283 25.62 19.52 31.27
C TYR B 283 24.64 20.72 31.13
N ASP B 284 23.36 20.40 30.97
CA ASP B 284 22.34 21.40 30.68
C ASP B 284 22.27 22.52 31.74
N ARG B 285 22.25 22.13 33.02
CA ARG B 285 22.14 23.05 34.15
C ARG B 285 23.34 23.97 34.24
N ARG B 286 24.56 23.42 34.04
CA ARG B 286 25.71 24.34 34.09
C ARG B 286 25.75 25.32 32.92
N HIS B 287 25.00 25.03 31.83
CA HIS B 287 24.96 25.91 30.66
C HIS B 287 23.82 26.92 30.76
N GLY B 288 23.02 26.79 31.82
CA GLY B 288 22.04 27.77 32.20
C GLY B 288 20.62 27.61 31.69
N TRP B 289 19.75 28.36 32.32
CA TRP B 289 18.31 28.40 32.05
C TRP B 289 18.04 29.09 30.71
N ARG B 290 17.27 28.42 29.86
CA ARG B 290 16.90 28.86 28.53
C ARG B 290 15.49 29.43 28.40
N GLY B 291 14.79 29.57 29.54
CA GLY B 291 13.45 30.14 29.55
C GLY B 291 12.38 29.10 29.42
N ALA B 292 11.14 29.48 29.71
CA ALA B 292 9.98 28.56 29.62
C ALA B 292 9.86 27.99 28.21
N GLU B 293 9.48 26.70 28.06
CA GLU B 293 9.35 26.11 26.71
C GLU B 293 8.18 26.73 25.91
N ALA B 294 7.22 27.33 26.63
CA ALA B 294 6.09 27.98 26.00
C ALA B 294 5.51 29.02 26.92
N HIS B 295 4.72 29.92 26.34
CA HIS B 295 4.06 30.99 27.08
C HIS B 295 2.65 31.15 26.53
N ASP B 296 1.66 31.18 27.44
CA ASP B 296 0.24 31.34 27.12
C ASP B 296 -0.26 30.32 26.08
N LYS B 297 -0.05 29.04 26.40
CA LYS B 297 -0.48 27.90 25.59
C LYS B 297 -1.24 26.96 26.54
N PRO B 298 -2.28 26.22 26.10
CA PRO B 298 -3.00 25.35 27.05
C PRO B 298 -2.13 24.22 27.62
N LEU B 299 -2.16 24.07 28.95
CA LEU B 299 -1.40 23.05 29.69
C LEU B 299 -1.66 21.62 29.22
N SER B 300 -2.87 21.36 28.67
CA SER B 300 -3.31 20.05 28.17
C SER B 300 -2.50 19.55 26.96
N GLU B 301 -1.87 20.46 26.20
CA GLU B 301 -1.04 20.18 25.01
C GLU B 301 0.37 19.69 25.35
N PHE B 302 0.71 19.59 26.65
CA PHE B 302 2.05 19.18 27.07
C PHE B 302 2.02 17.83 27.75
N ARG B 303 3.14 17.11 27.70
CA ARG B 303 3.25 15.79 28.29
C ARG B 303 4.38 15.67 29.28
N ALA B 304 4.17 14.82 30.29
CA ALA B 304 5.17 14.50 31.28
C ALA B 304 6.06 13.39 30.74
N TYR B 305 7.38 13.53 30.92
CA TYR B 305 8.37 12.55 30.52
C TYR B 305 9.67 12.83 31.23
N ALA B 306 10.54 11.79 31.37
CA ALA B 306 11.86 11.95 32.02
C ALA B 306 11.74 12.53 33.45
N ASN B 307 10.64 12.18 34.16
CA ASN B 307 10.40 12.68 35.51
C ASN B 307 10.33 14.22 35.55
N THR B 308 9.74 14.80 34.51
CA THR B 308 9.48 16.25 34.41
C THR B 308 8.01 16.37 34.17
N TYR B 309 7.40 17.35 34.82
CA TYR B 309 5.96 17.54 34.75
C TYR B 309 5.64 18.96 34.34
N PRO B 310 4.94 19.11 33.19
CA PRO B 310 4.56 20.46 32.74
C PRO B 310 3.62 21.16 33.72
N ALA B 311 3.79 22.47 33.85
CA ALA B 311 3.00 23.27 34.78
C ALA B 311 2.85 24.67 34.25
N GLN B 312 1.74 25.33 34.64
CA GLN B 312 1.44 26.69 34.21
C GLN B 312 1.66 27.65 35.36
N VAL B 313 2.58 28.60 35.20
CA VAL B 313 2.86 29.59 36.24
C VAL B 313 1.63 30.48 36.43
N THR B 314 1.14 30.57 37.66
CA THR B 314 -0.06 31.37 37.98
C THR B 314 0.23 32.57 38.85
N LYS B 315 1.32 32.56 39.61
CA LYS B 315 1.69 33.66 40.50
C LYS B 315 3.19 33.68 40.65
N VAL B 316 3.77 34.89 40.62
CA VAL B 316 5.20 35.09 40.81
C VAL B 316 5.38 36.01 42.00
N ASN B 317 6.07 35.52 43.02
CA ASN B 317 6.36 36.33 44.21
C ASN B 317 7.83 36.73 44.15
N SER B 318 8.35 37.26 45.26
CA SER B 318 9.74 37.66 45.34
C SER B 318 10.73 36.48 45.20
N SER B 319 10.53 35.42 45.99
CA SER B 319 11.44 34.28 46.05
C SER B 319 10.78 32.94 45.73
N SER B 320 9.57 32.97 45.18
CA SER B 320 8.83 31.74 44.91
C SER B 320 7.84 32.00 43.81
N PHE B 321 7.25 30.92 43.29
CA PHE B 321 6.19 31.01 42.30
C PHE B 321 5.22 29.86 42.48
N GLU B 322 3.99 30.09 42.07
CA GLU B 322 2.92 29.10 42.13
C GLU B 322 2.65 28.66 40.73
N ALA B 323 2.36 27.38 40.57
CA ALA B 323 2.08 26.83 39.25
C ALA B 323 0.97 25.80 39.30
N LEU B 324 0.14 25.79 38.27
CA LEU B 324 -0.95 24.83 38.12
C LEU B 324 -0.42 23.59 37.44
N MET B 325 -0.59 22.43 38.10
CA MET B 325 -0.12 21.16 37.58
C MET B 325 -1.21 20.42 36.83
N GLN B 326 -0.82 19.39 36.05
CA GLN B 326 -1.79 18.62 35.25
C GLN B 326 -2.79 17.84 36.12
N ASP B 327 -2.44 17.59 37.42
CA ASP B 327 -3.35 16.91 38.36
C ASP B 327 -4.41 17.87 38.91
N GLY B 328 -4.32 19.15 38.54
CA GLY B 328 -5.28 20.18 38.96
C GLY B 328 -4.90 20.94 40.20
N SER B 329 -3.89 20.44 40.93
CA SER B 329 -3.40 21.08 42.15
C SER B 329 -2.46 22.24 41.79
N THR B 330 -2.30 23.17 42.74
CA THR B 330 -1.41 24.30 42.63
C THR B 330 -0.25 24.05 43.58
N VAL B 331 0.97 24.09 43.04
CA VAL B 331 2.14 23.86 43.85
C VAL B 331 2.95 25.12 43.98
N THR B 332 3.78 25.20 45.00
CA THR B 332 4.66 26.34 45.18
C THR B 332 6.10 25.89 45.01
N VAL B 333 6.85 26.59 44.15
CA VAL B 333 8.28 26.30 44.00
C VAL B 333 8.99 27.35 44.83
N GLN B 334 9.76 26.91 45.84
CA GLN B 334 10.49 27.82 46.70
C GLN B 334 11.80 28.26 46.03
N TRP B 335 12.48 29.28 46.58
CA TRP B 335 13.74 29.77 46.01
C TRP B 335 14.77 28.71 45.71
N SER B 336 15.02 27.80 46.67
CA SER B 336 16.01 26.73 46.50
C SER B 336 15.71 25.85 45.27
N GLY B 337 14.45 25.79 44.84
CA GLY B 337 14.05 25.00 43.68
C GLY B 337 14.30 25.67 42.33
N MET B 338 14.66 26.95 42.32
CA MET B 338 14.88 27.67 41.06
C MET B 338 16.17 28.52 41.02
N SER B 339 16.84 28.70 42.17
CA SER B 339 18.02 29.57 42.28
C SER B 339 19.19 29.20 41.34
N TRP B 340 19.19 27.96 40.77
CA TRP B 340 20.22 27.48 39.83
C TRP B 340 20.12 28.22 38.50
N ALA B 341 18.96 28.81 38.20
CA ALA B 341 18.57 29.36 36.90
C ALA B 341 19.30 30.62 36.38
N ARG B 342 20.65 30.59 36.42
CA ARG B 342 21.46 31.62 35.78
C ARG B 342 21.08 31.54 34.27
N PRO B 343 20.88 32.67 33.58
CA PRO B 343 20.43 32.58 32.17
C PRO B 343 21.51 32.19 31.18
N TYR B 344 21.15 31.27 30.27
CA TYR B 344 22.01 30.88 29.18
C TYR B 344 22.24 32.15 28.29
N ARG B 345 23.50 32.42 27.88
CA ARG B 345 23.85 33.49 26.94
C ARG B 345 24.35 32.83 25.64
N ASN B 346 25.32 31.94 25.78
CA ASN B 346 25.82 31.09 24.69
C ASN B 346 26.53 29.91 25.31
N ALA B 347 27.07 28.98 24.50
CA ALA B 347 27.71 27.79 25.09
C ALA B 347 28.86 28.14 26.04
N ASN B 348 29.45 29.34 25.87
CA ASN B 348 30.57 29.77 26.68
C ASN B 348 30.22 30.77 27.76
N SER B 349 28.92 31.11 27.91
CA SER B 349 28.57 32.19 28.81
C SER B 349 27.21 32.03 29.43
N VAL B 350 27.13 32.26 30.74
CA VAL B 350 25.88 32.37 31.50
C VAL B 350 25.81 33.72 32.19
N GLY B 351 24.60 34.19 32.41
CA GLY B 351 24.36 35.45 33.12
C GLY B 351 24.57 35.29 34.63
N ALA B 352 24.35 36.40 35.35
CA ALA B 352 24.52 36.41 36.81
C ALA B 352 23.45 35.52 37.47
N ALA B 353 23.75 34.98 38.68
CA ALA B 353 22.76 34.20 39.43
C ALA B 353 21.49 35.04 39.57
N PRO B 354 20.28 34.48 39.36
CA PRO B 354 19.05 35.29 39.45
C PRO B 354 18.86 35.86 40.87
N SER B 355 18.31 37.07 40.99
CA SER B 355 18.10 37.74 42.28
C SER B 355 16.64 37.82 42.73
N ARG B 356 15.71 37.41 41.85
CA ARG B 356 14.27 37.41 42.13
C ARG B 356 13.60 36.42 41.18
N ALA B 357 12.43 35.86 41.60
CA ALA B 357 11.71 34.86 40.81
C ALA B 357 11.22 35.40 39.45
N SER B 358 10.85 36.70 39.38
CA SER B 358 10.39 37.35 38.14
C SER B 358 11.44 37.37 37.01
N GLN B 359 12.76 37.25 37.33
CA GLN B 359 13.80 37.14 36.28
C GLN B 359 13.74 35.77 35.58
N ILE B 360 13.22 34.75 36.27
CA ILE B 360 13.21 33.36 35.80
C ILE B 360 11.95 32.97 35.04
N VAL B 361 10.79 33.25 35.63
CA VAL B 361 9.47 32.87 35.10
C VAL B 361 8.52 34.08 35.08
N LYS B 362 7.47 33.96 34.25
CA LYS B 362 6.40 34.96 34.12
C LYS B 362 5.09 34.21 34.25
N VAL B 363 4.06 34.89 34.75
CA VAL B 363 2.71 34.28 34.83
C VAL B 363 2.31 33.88 33.38
N LYS B 364 1.71 32.68 33.19
CA LYS B 364 1.32 32.07 31.89
C LYS B 364 2.42 31.22 31.26
N ASP B 365 3.65 31.29 31.81
CA ASP B 365 4.71 30.44 31.30
C ASP B 365 4.39 28.96 31.51
N ILE B 366 4.79 28.13 30.56
CA ILE B 366 4.72 26.68 30.69
C ILE B 366 6.14 26.23 31.06
N VAL B 367 6.29 25.73 32.28
CA VAL B 367 7.58 25.26 32.78
C VAL B 367 7.52 23.77 33.13
N ARG B 368 8.66 23.18 33.48
CA ARG B 368 8.73 21.79 33.92
C ARG B 368 9.22 21.72 35.33
N LEU B 369 8.49 20.97 36.14
CA LEU B 369 8.81 20.79 37.55
C LEU B 369 9.13 19.36 37.86
N ARG B 370 9.88 19.16 38.92
CA ARG B 370 10.21 17.80 39.36
C ARG B 370 10.05 17.71 40.87
N PRO B 371 9.37 16.67 41.39
CA PRO B 371 9.23 16.57 42.84
C PRO B 371 10.40 15.86 43.49
N ASN B 372 10.53 15.99 44.81
CA ASN B 372 11.51 15.22 45.54
C ASN B 372 10.86 13.83 45.78
N GLU B 373 11.62 12.89 46.33
CA GLU B 373 11.20 11.52 46.68
C GLU B 373 9.72 11.34 47.10
N ALA B 374 9.24 12.10 48.11
CA ALA B 374 7.90 11.99 48.68
C ALA B 374 6.87 13.05 48.25
N LYS B 375 7.20 13.87 47.24
CA LYS B 375 6.36 14.96 46.71
C LYS B 375 6.02 16.05 47.75
N THR B 376 6.97 16.34 48.68
CA THR B 376 6.82 17.40 49.69
C THR B 376 7.40 18.73 49.16
N ALA B 377 8.24 18.66 48.11
CA ALA B 377 8.85 19.85 47.52
C ALA B 377 9.02 19.69 46.02
N TRP B 378 8.85 20.80 45.27
CA TRP B 378 8.94 20.81 43.83
C TRP B 378 10.04 21.75 43.39
N SER B 379 10.79 21.35 42.37
CA SER B 379 11.86 22.20 41.85
C SER B 379 11.66 22.49 40.35
N LEU B 380 12.23 23.58 39.87
CA LEU B 380 12.15 23.98 38.48
C LEU B 380 13.27 23.24 37.76
N VAL B 381 12.92 22.52 36.71
CA VAL B 381 13.91 21.76 35.92
C VAL B 381 13.80 22.20 34.47
N GLN B 382 14.69 21.66 33.65
CA GLN B 382 14.72 21.99 32.24
C GLN B 382 15.07 20.73 31.45
N VAL B 383 14.39 20.52 30.31
CA VAL B 383 14.75 19.40 29.45
C VAL B 383 16.02 19.82 28.65
N PRO B 384 17.11 19.03 28.65
CA PRO B 384 18.32 19.44 27.92
C PRO B 384 18.07 19.60 26.42
N LYS B 385 18.75 20.58 25.82
CA LYS B 385 18.74 20.73 24.38
C LYS B 385 19.80 19.75 23.81
N VAL B 386 20.92 19.58 24.54
CA VAL B 386 21.98 18.66 24.12
C VAL B 386 21.44 17.22 24.11
N GLN B 387 22.08 16.35 23.33
CA GLN B 387 21.70 14.91 23.29
C GLN B 387 22.88 14.06 23.72
N GLY B 388 22.59 12.77 23.88
CA GLY B 388 23.61 11.86 24.35
C GLY B 388 23.17 10.45 24.05
N GLN B 389 24.10 9.53 24.25
CA GLN B 389 23.79 8.10 24.08
C GLN B 389 24.74 7.27 24.89
N LEU B 390 24.40 5.99 25.03
CA LEU B 390 25.28 5.05 25.73
C LEU B 390 25.02 3.69 25.09
N ILE B 391 26.11 2.99 24.80
CA ILE B 391 26.00 1.60 24.29
C ILE B 391 27.00 0.74 25.06
N ALA B 392 26.56 -0.40 25.63
CA ALA B 392 27.44 -1.26 26.41
C ALA B 392 27.34 -2.68 25.84
N ILE B 393 28.49 -3.29 25.55
CA ILE B 393 28.52 -4.65 24.97
C ILE B 393 29.46 -5.53 25.73
N ASN B 394 29.21 -6.84 25.66
CA ASN B 394 30.14 -7.81 26.27
C ASN B 394 31.28 -8.01 25.22
N PRO B 395 32.55 -7.72 25.56
CA PRO B 395 33.62 -7.83 24.56
C PRO B 395 33.95 -9.28 24.17
N ASN B 396 33.46 -10.29 24.90
CA ASN B 396 33.77 -11.65 24.51
C ASN B 396 32.92 -12.15 23.35
N ASP B 397 31.70 -11.63 23.22
CA ASP B 397 30.79 -12.13 22.18
C ASP B 397 29.94 -11.06 21.49
N GLY B 398 30.12 -9.79 21.82
CA GLY B 398 29.34 -8.70 21.22
C GLY B 398 27.93 -8.48 21.73
N SER B 399 27.48 -9.25 22.77
CA SER B 399 26.12 -9.13 23.30
C SER B 399 25.84 -7.69 23.71
N ILE B 400 24.74 -7.10 23.23
CA ILE B 400 24.39 -5.72 23.61
C ILE B 400 23.65 -5.75 24.96
N GLU B 401 24.30 -5.23 25.99
CA GLU B 401 23.78 -5.27 27.35
C GLU B 401 22.87 -4.14 27.72
N ALA B 402 23.14 -2.95 27.16
CA ALA B 402 22.36 -1.76 27.46
C ALA B 402 22.55 -0.82 26.30
N ILE B 403 21.47 -0.12 25.98
CA ILE B 403 21.48 0.83 24.86
C ILE B 403 20.53 1.99 25.17
N VAL B 404 21.03 3.24 25.03
CA VAL B 404 20.21 4.43 25.25
C VAL B 404 20.51 5.34 24.07
N GLY B 405 19.49 5.65 23.29
CA GLY B 405 19.65 6.39 22.05
C GLY B 405 19.45 7.88 22.12
N GLY B 406 19.08 8.40 23.28
CA GLY B 406 18.87 9.83 23.46
C GLY B 406 18.42 10.13 24.88
N TYR B 407 18.12 11.41 25.14
CA TYR B 407 17.70 11.80 26.47
C TYR B 407 16.44 11.05 26.92
N ASN B 408 15.46 11.01 26.01
CA ASN B 408 14.22 10.28 26.29
C ASN B 408 13.52 9.91 25.02
N PHE B 409 13.01 8.65 24.99
CA PHE B 409 12.31 8.14 23.83
C PHE B 409 11.11 8.94 23.40
N TYR B 410 10.46 9.66 24.32
CA TYR B 410 9.33 10.51 23.97
C TYR B 410 9.69 11.57 22.93
N GLN B 411 10.95 12.08 22.95
CA GLN B 411 11.42 13.12 22.02
C GLN B 411 11.34 12.68 20.57
N SER B 412 11.77 11.43 20.27
CA SER B 412 11.69 10.85 18.92
C SER B 412 12.15 9.40 19.03
N LYS B 413 11.93 8.62 18.00
CA LYS B 413 12.38 7.22 18.04
C LYS B 413 13.86 7.10 17.63
N PHE B 414 14.54 8.23 17.31
CA PHE B 414 15.92 8.17 16.79
C PHE B 414 16.88 7.57 17.80
N ASN B 415 17.63 6.55 17.39
CA ASN B 415 18.57 5.91 18.31
C ASN B 415 20.00 6.28 17.94
N ARG B 416 20.60 7.16 18.74
CA ARG B 416 21.93 7.69 18.38
C ARG B 416 23.05 6.64 18.50
N ALA B 417 22.82 5.55 19.24
CA ALA B 417 23.87 4.52 19.35
C ALA B 417 24.00 3.78 18.03
N LEU B 418 22.86 3.65 17.31
CA LEU B 418 22.78 2.86 16.08
C LEU B 418 22.72 3.67 14.82
N GLN B 419 22.29 4.94 14.90
CA GLN B 419 22.09 5.79 13.74
C GLN B 419 22.76 7.15 13.80
N GLY B 420 23.32 7.53 14.95
CA GLY B 420 23.90 8.87 15.07
C GLY B 420 25.32 8.93 14.55
N TRP B 421 25.48 9.20 13.23
CA TRP B 421 26.82 9.30 12.62
C TRP B 421 27.51 10.58 13.08
N ARG B 422 28.69 10.43 13.70
CA ARG B 422 29.44 11.59 14.18
C ARG B 422 30.91 11.31 13.98
N GLN B 423 31.74 12.37 14.07
CA GLN B 423 33.17 12.14 14.01
C GLN B 423 33.67 11.68 15.38
N PRO B 424 34.57 10.69 15.44
CA PRO B 424 35.09 10.26 16.76
C PRO B 424 36.17 11.21 17.29
N GLY B 425 36.86 11.95 16.41
CA GLY B 425 37.95 12.83 16.85
C GLY B 425 39.04 12.00 17.52
N SER B 426 39.57 12.49 18.65
CA SER B 426 40.66 11.82 19.36
C SER B 426 40.30 10.40 19.89
N THR B 427 38.99 10.05 19.92
CA THR B 427 38.57 8.70 20.37
C THR B 427 39.14 7.64 19.38
N ILE B 428 39.45 8.04 18.14
CA ILE B 428 39.97 7.09 17.17
C ILE B 428 41.44 6.72 17.42
N LYS B 429 42.20 7.58 18.13
CA LYS B 429 43.64 7.43 18.27
C LYS B 429 44.13 6.02 18.71
N PRO B 430 43.53 5.38 19.74
CA PRO B 430 43.94 4.00 20.09
C PRO B 430 43.94 3.01 18.92
N PHE B 431 43.02 3.15 17.94
CA PHE B 431 42.96 2.27 16.76
C PHE B 431 44.24 2.47 15.90
N LEU B 432 44.60 3.71 15.66
CA LEU B 432 45.81 4.00 14.87
C LEU B 432 47.06 3.62 15.66
N TYR B 433 47.11 4.01 16.95
CA TYR B 433 48.33 3.71 17.73
C TYR B 433 48.51 2.18 17.90
N ALA B 434 47.41 1.41 17.87
CA ALA B 434 47.50 -0.07 17.96
C ALA B 434 48.26 -0.62 16.73
N LEU B 435 48.04 0.00 15.54
CA LEU B 435 48.75 -0.41 14.30
C LEU B 435 50.25 -0.16 14.42
N ALA B 436 50.64 0.92 15.12
CA ALA B 436 52.07 1.22 15.34
C ALA B 436 52.65 0.16 16.28
N LEU B 437 51.87 -0.28 17.29
CA LEU B 437 52.29 -1.34 18.20
C LEU B 437 52.47 -2.65 17.44
N GLU B 438 51.54 -2.95 16.50
CA GLU B 438 51.57 -4.16 15.66
C GLU B 438 52.83 -4.19 14.82
N ARG B 439 53.24 -2.99 14.33
CA ARG B 439 54.39 -2.82 13.47
C ARG B 439 55.76 -2.84 14.18
N GLY B 440 55.78 -3.11 15.50
CA GLY B 440 57.02 -3.23 16.26
C GLY B 440 57.23 -2.27 17.43
N MET B 441 56.55 -1.11 17.43
CA MET B 441 56.66 -0.10 18.51
C MET B 441 56.14 -0.64 19.83
N THR B 442 56.57 -0.01 20.93
CA THR B 442 56.14 -0.37 22.29
C THR B 442 55.46 0.85 22.93
N PRO B 443 54.77 0.70 24.08
CA PRO B 443 54.21 1.89 24.76
C PRO B 443 55.30 2.89 25.16
N TYR B 444 56.58 2.43 25.24
CA TYR B 444 57.72 3.25 25.67
C TYR B 444 58.52 3.83 24.51
N SER B 445 58.23 3.40 23.26
CA SER B 445 58.95 3.88 22.06
C SER B 445 58.87 5.40 21.96
N MET B 446 60.00 6.03 21.65
CA MET B 446 60.05 7.49 21.52
C MET B 446 59.48 7.93 20.18
N VAL B 447 58.52 8.85 20.23
CA VAL B 447 57.85 9.39 19.03
C VAL B 447 58.02 10.89 19.00
N ASN B 448 57.96 11.50 17.79
CA ASN B 448 58.25 12.93 17.63
C ASN B 448 57.04 13.85 17.52
N ASP B 449 56.79 14.65 18.55
CA ASP B 449 55.75 15.67 18.54
C ASP B 449 56.43 16.98 18.11
N SER B 450 56.50 17.17 16.79
CA SER B 450 57.17 18.34 16.21
C SER B 450 56.33 18.91 15.08
N PRO B 451 56.52 20.18 14.67
CA PRO B 451 55.75 20.71 13.53
C PRO B 451 55.87 19.78 12.32
N ILE B 452 54.78 19.62 11.61
CA ILE B 452 54.76 18.74 10.43
C ILE B 452 53.89 19.36 9.35
N THR B 453 54.34 19.23 8.11
CA THR B 453 53.65 19.70 6.91
C THR B 453 53.63 18.57 5.87
N ILE B 454 52.44 18.24 5.34
CA ILE B 454 52.29 17.26 4.25
C ILE B 454 51.60 18.00 3.10
N GLY B 455 52.35 18.24 2.02
CA GLY B 455 51.86 18.98 0.86
C GLY B 455 51.52 20.40 1.24
N LYS B 456 50.21 20.69 1.41
CA LYS B 456 49.70 22.00 1.82
C LYS B 456 49.00 21.94 3.17
N TRP B 457 49.07 20.77 3.83
CA TRP B 457 48.40 20.57 5.10
C TRP B 457 49.37 20.64 6.27
N THR B 458 49.06 21.50 7.26
CA THR B 458 49.86 21.69 8.48
C THR B 458 48.97 21.39 9.68
N PRO B 459 48.90 20.11 10.11
CA PRO B 459 48.08 19.80 11.30
C PRO B 459 48.70 20.43 12.54
N LYS B 460 47.87 21.00 13.40
CA LYS B 460 48.37 21.60 14.64
C LYS B 460 47.88 20.79 15.83
N ASN B 461 48.61 20.87 16.95
CA ASN B 461 48.16 20.28 18.16
C ASN B 461 47.13 21.24 18.75
N SER B 462 46.10 20.71 19.41
CA SER B 462 45.02 21.52 19.99
C SER B 462 45.54 22.68 20.86
N ASP B 463 46.69 22.48 21.55
CA ASP B 463 47.30 23.48 22.42
C ASP B 463 48.34 24.40 21.74
N GLY B 464 48.68 24.13 20.50
CA GLY B 464 49.65 24.89 19.71
C GLY B 464 51.07 24.77 20.20
N ARG B 465 51.34 23.70 20.94
CA ARG B 465 52.65 23.45 21.54
C ARG B 465 53.22 22.15 20.98
N TYR B 466 54.55 21.95 21.12
CA TYR B 466 55.19 20.72 20.61
C TYR B 466 56.08 20.18 21.71
N LEU B 467 55.97 18.89 21.97
CA LEU B 467 56.70 18.28 23.07
C LEU B 467 57.98 17.56 22.68
N GLY B 468 58.29 17.54 21.40
CA GLY B 468 59.45 16.84 20.87
C GLY B 468 59.38 15.33 21.07
N MET B 469 60.51 14.73 21.49
CA MET B 469 60.56 13.27 21.65
C MET B 469 59.87 12.85 22.94
N ILE B 470 58.79 12.09 22.80
CA ILE B 470 58.00 11.63 23.94
C ILE B 470 57.66 10.14 23.81
N PRO B 471 57.38 9.43 24.92
CA PRO B 471 56.97 8.02 24.78
C PRO B 471 55.64 7.92 24.03
N LEU B 472 55.45 6.84 23.27
CA LEU B 472 54.19 6.61 22.51
C LEU B 472 52.98 6.74 23.46
N ARG B 473 53.06 6.13 24.67
CA ARG B 473 51.93 6.14 25.62
C ARG B 473 51.55 7.55 26.08
N ARG B 474 52.56 8.43 26.23
CA ARG B 474 52.30 9.81 26.59
C ARG B 474 51.66 10.55 25.40
N ALA B 475 52.16 10.28 24.18
CA ALA B 475 51.55 10.91 22.99
C ALA B 475 50.08 10.54 22.88
N LEU B 476 49.72 9.28 23.22
CA LEU B 476 48.32 8.88 23.15
C LEU B 476 47.49 9.53 24.26
N TYR B 477 48.03 9.54 25.50
CA TYR B 477 47.36 10.16 26.65
C TYR B 477 47.05 11.63 26.36
N LEU B 478 48.02 12.34 25.76
CA LEU B 478 47.89 13.76 25.44
C LEU B 478 47.21 14.03 24.09
N SER B 479 46.85 12.95 23.33
CA SER B 479 46.22 13.02 22.01
C SER B 479 46.98 13.98 21.07
N ARG B 480 48.31 13.79 20.94
CA ARG B 480 49.13 14.72 20.15
C ARG B 480 48.92 14.51 18.67
N ASN B 481 48.24 15.46 18.01
CA ASN B 481 47.93 15.35 16.59
C ASN B 481 49.12 15.11 15.68
N THR B 482 50.24 15.83 15.89
CA THR B 482 51.39 15.64 14.99
C THR B 482 51.97 14.25 15.11
N VAL B 483 51.90 13.65 16.32
CA VAL B 483 52.37 12.28 16.50
C VAL B 483 51.48 11.33 15.68
N SER B 484 50.15 11.47 15.83
CA SER B 484 49.18 10.63 15.12
C SER B 484 49.43 10.69 13.62
N VAL B 485 49.66 11.89 13.06
CA VAL B 485 49.94 12.06 11.61
C VAL B 485 51.26 11.35 11.21
N ARG B 486 52.33 11.50 12.02
CA ARG B 486 53.60 10.82 11.74
C ARG B 486 53.44 9.33 11.79
N LEU B 487 52.67 8.83 12.79
CA LEU B 487 52.40 7.40 12.89
C LEU B 487 51.64 6.95 11.66
N LEU B 488 50.68 7.77 11.20
CA LEU B 488 49.92 7.43 10.00
C LEU B 488 50.83 7.40 8.76
N GLN B 489 51.80 8.32 8.69
CA GLN B 489 52.77 8.38 7.57
C GLN B 489 53.62 7.11 7.55
N THR B 490 54.02 6.65 8.75
CA THR B 490 54.87 5.47 8.97
C THR B 490 54.16 4.20 8.58
N VAL B 491 52.95 3.96 9.14
CA VAL B 491 52.17 2.73 8.90
C VAL B 491 51.44 2.68 7.54
N GLY B 492 51.13 3.83 6.98
CA GLY B 492 50.44 3.95 5.69
C GLY B 492 48.94 4.11 5.81
N ILE B 493 48.36 4.99 4.96
CA ILE B 493 46.92 5.28 4.91
C ILE B 493 46.10 4.01 4.65
N GLU B 494 46.39 3.27 3.55
CA GLU B 494 45.61 2.06 3.24
C GLU B 494 45.63 0.96 4.29
N ARG B 495 46.79 0.71 4.94
CA ARG B 495 46.92 -0.27 6.03
C ARG B 495 46.05 0.19 7.23
N THR B 496 46.09 1.50 7.55
CA THR B 496 45.26 2.09 8.61
C THR B 496 43.77 1.96 8.29
N ARG B 497 43.35 2.34 7.05
CA ARG B 497 41.94 2.21 6.66
C ARG B 497 41.46 0.77 6.81
N GLN B 498 42.32 -0.19 6.43
CA GLN B 498 41.97 -1.62 6.52
C GLN B 498 41.80 -2.06 7.97
N LEU B 499 42.71 -1.59 8.85
CA LEU B 499 42.62 -1.93 10.26
C LEU B 499 41.39 -1.26 10.87
N PHE B 500 41.08 -0.01 10.43
CA PHE B 500 39.86 0.69 10.90
C PHE B 500 38.64 -0.11 10.51
N MET B 501 38.63 -0.74 9.30
CA MET B 501 37.49 -1.58 8.87
C MET B 501 37.43 -2.84 9.70
N ASP B 502 38.59 -3.44 10.04
CA ASP B 502 38.65 -4.65 10.89
C ASP B 502 38.10 -4.36 12.28
N PHE B 503 38.34 -3.12 12.82
CA PHE B 503 37.79 -2.72 14.13
C PHE B 503 36.27 -2.57 14.07
N GLY B 504 35.69 -2.39 12.87
CA GLY B 504 34.25 -2.20 12.68
C GLY B 504 33.81 -0.89 12.02
N LEU B 505 34.75 -0.01 11.62
CA LEU B 505 34.36 1.24 10.93
C LEU B 505 33.95 0.91 9.50
N GLN B 506 33.11 1.77 8.89
CA GLN B 506 32.53 1.57 7.56
C GLN B 506 33.44 2.14 6.45
N GLU B 507 33.86 1.26 5.51
CA GLU B 507 34.73 1.59 4.38
C GLU B 507 34.41 2.95 3.71
N ASP B 508 33.14 3.18 3.29
CA ASP B 508 32.81 4.41 2.58
C ASP B 508 32.79 5.66 3.46
N GLN B 509 32.95 5.49 4.80
CA GLN B 509 32.95 6.61 5.72
C GLN B 509 34.36 6.98 6.16
N ILE B 510 35.37 6.27 5.65
CA ILE B 510 36.77 6.48 5.99
C ILE B 510 37.49 7.21 4.86
N PRO B 511 37.78 8.53 5.01
CA PRO B 511 38.52 9.25 3.95
C PRO B 511 39.88 8.63 3.62
N ARG B 512 40.37 8.92 2.41
CA ARG B 512 41.64 8.40 1.92
C ARG B 512 42.70 9.51 1.98
N ASN B 513 42.93 10.06 3.19
CA ASN B 513 43.87 11.14 3.40
C ASN B 513 44.42 11.08 4.83
N TYR B 514 45.34 12.01 5.18
CA TYR B 514 45.98 12.03 6.50
C TYR B 514 45.13 12.55 7.66
N THR B 515 43.97 13.17 7.36
CA THR B 515 43.09 13.72 8.41
C THR B 515 42.47 12.58 9.26
N ILE B 516 42.47 11.33 8.75
CA ILE B 516 41.89 10.20 9.50
C ILE B 516 42.62 9.92 10.82
N ALA B 517 43.88 10.38 10.93
CA ALA B 517 44.67 10.28 12.16
C ALA B 517 44.02 11.18 13.23
N LEU B 518 43.24 12.20 12.79
CA LEU B 518 42.58 13.15 13.69
C LEU B 518 41.11 12.79 13.94
N GLY B 519 40.69 11.62 13.46
CA GLY B 519 39.34 11.14 13.72
C GLY B 519 38.25 11.79 12.88
N THR B 520 38.56 12.09 11.61
CA THR B 520 37.58 12.64 10.66
C THR B 520 36.59 11.60 10.09
N PRO B 521 36.81 10.26 10.11
CA PRO B 521 35.78 9.35 9.55
C PRO B 521 34.43 9.54 10.27
N GLN B 522 33.31 9.23 9.62
CA GLN B 522 32.01 9.28 10.32
C GLN B 522 31.85 7.89 10.92
N VAL B 523 31.39 7.83 12.17
CA VAL B 523 31.22 6.52 12.84
C VAL B 523 29.93 6.49 13.64
N LEU B 524 29.49 5.29 14.00
CA LEU B 524 28.39 5.12 14.95
C LEU B 524 29.00 4.73 16.30
N PRO B 525 28.35 5.10 17.44
CA PRO B 525 28.89 4.66 18.74
C PRO B 525 29.02 3.13 18.82
N ILE B 526 28.07 2.38 18.23
CA ILE B 526 28.17 0.91 18.28
C ILE B 526 29.46 0.37 17.60
N GLN B 527 29.93 1.05 16.53
CA GLN B 527 31.17 0.66 15.85
C GLN B 527 32.36 0.98 16.73
N MET B 528 32.29 2.13 17.45
CA MET B 528 33.39 2.44 18.39
C MET B 528 33.46 1.38 19.50
N ALA B 529 32.30 0.92 20.02
CA ALA B 529 32.26 -0.11 21.06
C ALA B 529 32.84 -1.45 20.53
N THR B 530 32.52 -1.79 19.27
CA THR B 530 33.08 -3.01 18.63
C THR B 530 34.61 -2.89 18.59
N GLY B 531 35.11 -1.73 18.17
CA GLY B 531 36.54 -1.48 18.10
C GLY B 531 37.25 -1.61 19.43
N TYR B 532 36.74 -0.94 20.48
CA TYR B 532 37.36 -1.00 21.82
C TYR B 532 37.26 -2.40 22.47
N ALA B 533 36.24 -3.21 22.05
CA ALA B 533 36.14 -4.60 22.55
C ALA B 533 37.40 -5.40 22.22
N THR B 534 38.05 -5.03 21.09
CA THR B 534 39.30 -5.65 20.60
C THR B 534 40.41 -5.55 21.64
N PHE B 535 40.49 -4.41 22.35
CA PHE B 535 41.49 -4.25 23.41
C PHE B 535 41.10 -5.06 24.66
N ALA B 536 39.81 -5.10 24.99
CA ALA B 536 39.32 -5.80 26.19
C ALA B 536 39.39 -7.34 26.06
N ASN B 537 39.34 -7.84 24.83
CA ASN B 537 39.24 -9.29 24.64
C ASN B 537 40.52 -9.98 24.10
N GLY B 538 41.62 -9.21 24.01
CA GLY B 538 42.89 -9.79 23.59
C GLY B 538 43.23 -9.78 22.12
N GLY B 539 42.50 -8.99 21.32
CA GLY B 539 42.82 -8.80 19.91
C GLY B 539 41.85 -9.35 18.89
N TYR B 540 40.63 -9.61 19.30
CA TYR B 540 39.62 -10.21 18.42
C TYR B 540 38.55 -9.28 17.95
N ARG B 541 38.01 -9.58 16.76
CA ARG B 541 36.84 -8.89 16.24
C ARG B 541 35.56 -9.62 16.68
N VAL B 542 34.74 -8.97 17.51
CA VAL B 542 33.43 -9.55 17.84
C VAL B 542 32.39 -8.73 17.05
N GLN B 543 31.16 -9.25 16.98
CA GLN B 543 30.10 -8.60 16.24
C GLN B 543 28.98 -8.30 17.23
N PRO B 544 28.47 -7.08 17.26
CA PRO B 544 27.39 -6.77 18.21
C PRO B 544 26.14 -7.53 17.83
N HIS B 545 25.44 -8.00 18.83
CA HIS B 545 24.21 -8.73 18.58
C HIS B 545 23.23 -8.45 19.69
N PHE B 546 21.92 -8.41 19.36
CA PHE B 546 20.97 -8.19 20.46
C PHE B 546 19.95 -9.31 20.63
N ILE B 547 19.96 -10.32 19.76
CA ILE B 547 19.06 -11.46 19.91
C ILE B 547 19.78 -12.67 20.48
N GLN B 548 19.27 -13.18 21.61
CA GLN B 548 19.81 -14.37 22.22
C GLN B 548 19.03 -15.57 21.61
N ARG B 549 17.69 -15.48 21.56
CA ARG B 549 16.88 -16.51 20.93
C ARG B 549 15.57 -15.95 20.46
N ILE B 550 14.93 -16.68 19.55
CA ILE B 550 13.58 -16.41 19.08
C ILE B 550 12.76 -17.68 19.24
N GLU B 551 11.54 -17.52 19.78
CA GLU B 551 10.59 -18.62 19.89
C GLU B 551 9.38 -18.26 19.08
N ASP B 552 8.67 -19.28 18.57
CA ASP B 552 7.43 -18.96 17.89
C ASP B 552 6.35 -18.70 18.98
N ALA B 553 5.10 -18.36 18.62
CA ALA B 553 4.08 -18.07 19.66
C ALA B 553 3.76 -19.25 20.60
N TYR B 554 4.17 -20.47 20.19
CA TYR B 554 3.93 -21.73 20.89
C TYR B 554 5.09 -22.33 21.72
N GLY B 555 6.16 -21.58 21.91
CA GLY B 555 7.31 -22.02 22.69
C GLY B 555 8.39 -22.78 21.96
N LYS B 556 8.27 -22.93 20.62
CA LYS B 556 9.31 -23.62 19.86
C LYS B 556 10.48 -22.68 19.63
N VAL B 557 11.70 -23.06 19.99
CA VAL B 557 12.88 -22.21 19.74
C VAL B 557 13.20 -22.33 18.25
N ILE B 558 13.16 -21.21 17.52
CA ILE B 558 13.39 -21.26 16.07
C ILE B 558 14.66 -20.53 15.65
N TYR B 559 15.34 -19.89 16.60
CA TYR B 559 16.63 -19.27 16.35
C TYR B 559 17.35 -19.25 17.69
N GLU B 560 18.62 -19.56 17.68
CA GLU B 560 19.48 -19.51 18.87
C GLU B 560 20.76 -18.81 18.40
N ALA B 561 21.21 -17.76 19.10
CA ALA B 561 22.43 -17.06 18.70
C ALA B 561 23.62 -18.02 18.69
N LYS B 562 24.49 -17.92 17.69
CA LYS B 562 25.76 -18.65 17.62
C LYS B 562 26.82 -17.58 17.36
N PRO B 563 27.12 -16.73 18.37
CA PRO B 563 28.04 -15.62 18.11
C PRO B 563 29.48 -16.09 17.95
N GLU B 564 30.34 -15.23 17.39
CA GLU B 564 31.77 -15.53 17.32
C GLU B 564 32.32 -15.08 18.69
N TYR B 565 33.02 -15.97 19.38
CA TYR B 565 33.61 -15.72 20.69
C TYR B 565 35.09 -15.39 20.59
N ALA B 566 35.54 -14.37 21.35
CA ALA B 566 36.96 -14.06 21.44
C ALA B 566 37.63 -15.22 22.20
N CYS B 567 37.04 -15.57 23.34
CA CYS B 567 37.59 -16.62 24.21
C CYS B 567 36.51 -17.64 24.53
N ILE B 568 36.60 -18.83 23.89
CA ILE B 568 35.65 -19.93 24.08
C ILE B 568 35.72 -20.49 25.52
N PRO B 569 36.90 -20.82 26.10
CA PRO B 569 36.89 -21.34 27.49
C PRO B 569 36.26 -20.40 28.50
N CYS B 570 36.31 -19.08 28.22
CA CYS B 570 35.79 -18.03 29.07
C CYS B 570 34.25 -18.11 29.30
N ILE B 571 33.52 -18.85 28.42
CA ILE B 571 32.06 -19.05 28.55
C ILE B 571 31.75 -19.94 29.76
N ASN B 572 32.57 -20.97 30.02
CA ASN B 572 32.38 -21.89 31.14
C ASN B 572 32.64 -21.20 32.49
N ALA B 573 33.63 -20.27 32.54
CA ALA B 573 34.03 -19.47 33.71
C ALA B 573 34.23 -20.29 35.00
N GLN B 618 31.95 -20.99 22.44
CA GLN B 618 31.44 -22.23 21.88
C GLN B 618 31.84 -22.32 20.44
N TYR B 619 31.33 -23.31 19.72
CA TYR B 619 31.60 -23.56 18.31
C TYR B 619 32.33 -22.47 17.49
N ARG B 620 31.82 -21.18 17.41
CA ARG B 620 32.50 -20.19 16.56
C ARG B 620 33.60 -19.34 17.25
N GLN B 621 34.79 -19.34 16.66
CA GLN B 621 35.94 -18.58 17.17
C GLN B 621 36.05 -17.28 16.40
N ALA B 622 36.10 -16.12 17.11
CA ALA B 622 36.24 -14.83 16.45
C ALA B 622 37.60 -14.72 15.77
N GLN B 623 37.66 -13.94 14.68
CA GLN B 623 38.90 -13.69 13.95
C GLN B 623 39.82 -12.75 14.75
N ARG B 624 41.12 -13.07 14.76
CA ARG B 624 42.11 -12.21 15.44
C ARG B 624 42.41 -11.05 14.49
N ILE B 625 42.40 -9.80 14.99
CA ILE B 625 42.71 -8.63 14.17
C ILE B 625 43.94 -7.84 14.71
N LEU B 626 44.45 -8.20 15.90
CA LEU B 626 45.66 -7.59 16.47
C LEU B 626 46.41 -8.70 17.18
N LYS B 627 47.73 -8.62 17.22
CA LYS B 627 48.51 -9.53 18.05
C LYS B 627 48.05 -9.31 19.48
N SER B 628 48.00 -10.40 20.25
CA SER B 628 47.66 -10.39 21.68
C SER B 628 48.51 -9.32 22.41
N SER B 629 49.82 -9.27 22.10
CA SER B 629 50.73 -8.30 22.74
C SER B 629 50.34 -6.84 22.43
N SER B 630 49.88 -6.55 21.22
CA SER B 630 49.45 -5.19 20.86
C SER B 630 48.15 -4.82 21.60
N ALA B 631 47.19 -5.77 21.61
CA ALA B 631 45.90 -5.55 22.31
C ALA B 631 46.14 -5.26 23.79
N TYR B 632 47.02 -6.02 24.43
CA TYR B 632 47.36 -5.93 25.84
C TYR B 632 48.12 -4.68 26.15
N ASP B 633 49.06 -4.33 25.29
CA ASP B 633 49.81 -3.09 25.47
C ASP B 633 48.83 -1.91 25.44
N MET B 634 47.91 -1.90 24.48
CA MET B 634 46.93 -0.81 24.37
C MET B 634 46.00 -0.82 25.59
N ALA B 635 45.51 -2.01 26.02
CA ALA B 635 44.62 -2.07 27.19
C ALA B 635 45.34 -1.47 28.42
N ASN B 636 46.64 -1.78 28.61
CA ASN B 636 47.39 -1.22 29.74
C ASN B 636 47.62 0.29 29.60
N ILE B 637 47.81 0.78 28.37
CA ILE B 637 47.95 2.23 28.17
C ILE B 637 46.64 2.88 28.61
N LEU B 638 45.51 2.33 28.13
CA LEU B 638 44.19 2.89 28.43
C LEU B 638 43.85 2.83 29.92
N ARG B 639 44.36 1.79 30.63
CA ARG B 639 44.17 1.74 32.10
C ARG B 639 45.05 2.82 32.72
N ASP B 640 46.29 3.00 32.24
CA ASP B 640 47.15 4.09 32.76
C ASP B 640 46.50 5.46 32.56
N VAL B 641 45.85 5.68 31.39
CA VAL B 641 45.14 6.92 31.01
C VAL B 641 44.03 7.18 32.04
N ILE B 642 43.19 6.18 32.31
CA ILE B 642 42.10 6.33 33.26
C ILE B 642 42.58 6.55 34.69
N GLU B 643 43.65 5.86 35.09
CA GLU B 643 44.19 5.98 36.45
C GLU B 643 45.01 7.26 36.69
N HIS B 644 45.46 7.92 35.62
CA HIS B 644 46.21 9.18 35.66
C HIS B 644 45.28 10.22 35.00
N GLY B 645 44.17 10.52 35.68
CA GLY B 645 43.13 11.44 35.20
C GLY B 645 43.60 12.85 34.96
N ILE B 653 35.46 5.64 40.24
CA ILE B 653 35.12 4.26 40.60
C ILE B 653 36.29 3.65 41.40
N GLY B 654 35.97 2.80 42.37
CA GLY B 654 36.94 2.10 43.21
C GLY B 654 37.30 0.76 42.59
N ARG B 655 37.66 0.78 41.29
CA ARG B 655 38.05 -0.44 40.57
C ARG B 655 39.41 -0.26 39.96
N SER B 656 40.12 -1.34 39.76
CA SER B 656 41.44 -1.27 39.18
C SER B 656 41.51 -2.05 37.88
N ASP B 657 40.35 -2.38 37.27
CA ASP B 657 40.32 -3.18 36.05
C ASP B 657 39.68 -2.42 34.91
N LEU B 658 39.79 -1.09 34.90
CA LEU B 658 39.18 -0.28 33.85
C LEU B 658 40.21 0.47 33.03
N GLY B 659 39.97 0.57 31.73
CA GLY B 659 40.78 1.36 30.81
C GLY B 659 39.84 2.21 29.98
N GLY B 660 40.28 3.36 29.49
CA GLY B 660 39.39 4.17 28.69
C GLY B 660 40.08 5.35 28.08
N LYS B 661 39.43 5.91 27.06
CA LYS B 661 39.96 7.04 26.31
C LYS B 661 38.89 8.12 26.18
N THR B 662 39.23 9.39 26.49
CA THR B 662 38.32 10.52 26.25
C THR B 662 38.46 10.85 24.78
N GLY B 663 37.43 11.48 24.24
CA GLY B 663 37.47 11.91 22.86
C GLY B 663 36.81 13.25 22.66
N THR B 664 37.35 14.04 21.75
CA THR B 664 36.79 15.34 21.40
C THR B 664 36.99 15.59 19.91
N THR B 665 36.13 16.43 19.34
CA THR B 665 36.23 16.84 17.95
C THR B 665 36.50 18.34 17.91
N ASN B 666 36.84 18.89 16.73
CA ASN B 666 37.09 20.33 16.57
C ASN B 666 35.92 21.12 17.12
N ASP B 667 36.23 22.22 17.80
CA ASP B 667 35.25 23.15 18.36
C ASP B 667 34.37 22.48 19.44
N ALA B 668 34.86 21.37 20.03
CA ALA B 668 34.14 20.61 21.05
C ALA B 668 32.72 20.30 20.56
N LYS B 669 32.57 19.89 19.30
CA LYS B 669 31.22 19.52 18.79
C LYS B 669 30.78 18.14 19.31
N ASP B 670 31.71 17.37 19.91
CA ASP B 670 31.38 16.05 20.43
C ASP B 670 32.22 15.80 21.66
N ALA B 671 31.63 15.09 22.63
CA ALA B 671 32.36 14.64 23.82
C ALA B 671 32.14 13.13 23.81
N TRP B 672 33.21 12.35 23.87
CA TRP B 672 33.12 10.89 23.88
C TRP B 672 33.88 10.32 25.06
N PHE B 673 33.49 9.11 25.46
CA PHE B 673 34.33 8.32 26.38
C PHE B 673 34.13 6.86 25.98
N ALA B 674 35.24 6.15 25.73
CA ALA B 674 35.17 4.73 25.33
C ALA B 674 36.04 4.00 26.31
N GLY B 675 35.49 3.01 27.03
CA GLY B 675 36.26 2.37 28.08
C GLY B 675 35.68 1.01 28.41
N PHE B 676 36.41 0.26 29.22
CA PHE B 676 35.99 -1.11 29.47
C PHE B 676 36.69 -1.75 30.64
N ASN B 677 36.18 -2.94 31.02
CA ASN B 677 36.92 -3.91 31.81
C ASN B 677 36.86 -5.17 30.91
N GLY B 678 37.27 -6.33 31.41
CA GLY B 678 37.22 -7.54 30.60
C GLY B 678 35.82 -8.09 30.30
N LYS B 679 34.77 -7.59 31.01
CA LYS B 679 33.42 -8.10 30.83
C LYS B 679 32.45 -7.12 30.19
N LEU B 680 32.86 -5.83 30.04
CA LEU B 680 31.93 -4.84 29.55
C LEU B 680 32.65 -3.68 28.92
N VAL B 681 32.25 -3.35 27.68
CA VAL B 681 32.80 -2.18 26.98
C VAL B 681 31.63 -1.17 26.87
N THR B 682 31.85 0.09 27.26
CA THR B 682 30.80 1.09 27.14
C THR B 682 31.34 2.28 26.39
N VAL B 683 30.55 2.83 25.49
CA VAL B 683 30.89 4.08 24.79
C VAL B 683 29.76 5.06 25.10
N THR B 684 30.10 6.26 25.57
CA THR B 684 29.15 7.33 25.81
C THR B 684 29.52 8.50 24.89
N TRP B 685 28.50 9.28 24.55
CA TRP B 685 28.71 10.44 23.66
C TRP B 685 27.71 11.50 24.11
N VAL B 686 28.10 12.76 23.96
CA VAL B 686 27.26 13.93 24.23
C VAL B 686 27.52 14.91 23.09
N GLY B 687 26.47 15.51 22.57
CA GLY B 687 26.62 16.53 21.53
C GLY B 687 25.27 17.03 21.10
N PHE B 688 25.25 18.13 20.35
CA PHE B 688 23.98 18.63 19.81
C PHE B 688 23.74 17.92 18.49
N ASP B 689 22.47 17.57 18.22
CA ASP B 689 22.08 16.92 16.95
C ASP B 689 22.56 17.70 15.71
N GLN B 690 22.41 19.04 15.75
CA GLN B 690 22.91 19.93 14.70
C GLN B 690 24.28 20.31 15.27
N PRO B 691 25.38 19.72 14.71
CA PRO B 691 26.71 19.85 15.36
C PRO B 691 27.06 21.28 15.65
N THR B 692 27.21 21.60 16.95
CA THR B 692 27.46 22.97 17.41
C THR B 692 28.36 22.84 18.61
N THR B 693 29.17 23.88 18.92
CA THR B 693 30.06 23.76 20.07
C THR B 693 29.34 23.44 21.38
N LEU B 694 29.93 22.51 22.16
CA LEU B 694 29.43 22.20 23.50
C LEU B 694 29.94 23.31 24.46
N GLY B 695 30.96 24.04 24.02
CA GLY B 695 31.60 25.09 24.80
C GLY B 695 33.08 24.83 24.98
N ARG B 696 33.87 25.91 25.14
CA ARG B 696 35.34 25.85 25.32
C ARG B 696 35.77 25.02 26.48
N ARG B 697 35.01 25.04 27.61
CA ARG B 697 35.38 24.25 28.78
C ARG B 697 34.88 22.79 28.65
N GLU B 698 34.27 22.45 27.52
CA GLU B 698 33.70 21.14 27.28
C GLU B 698 34.58 20.26 26.35
N TYR B 699 35.82 20.71 26.04
CA TYR B 699 36.77 19.88 25.25
C TYR B 699 37.26 18.73 26.10
N GLY B 700 37.80 17.69 25.46
CA GLY B 700 38.33 16.56 26.18
C GLY B 700 37.34 15.54 26.70
N GLY B 701 36.13 15.46 26.10
CA GLY B 701 35.12 14.45 26.46
C GLY B 701 34.52 14.61 27.84
N ILE B 702 34.64 15.85 28.40
CA ILE B 702 34.24 16.22 29.78
C ILE B 702 32.82 15.82 30.10
N ALA B 703 31.84 16.10 29.20
CA ALA B 703 30.43 15.79 29.50
C ALA B 703 30.12 14.31 29.44
N ALA B 704 30.88 13.56 28.63
CA ALA B 704 30.63 12.10 28.42
C ALA B 704 31.19 11.23 29.55
N LEU B 705 32.30 11.64 30.14
CA LEU B 705 32.96 10.88 31.21
C LEU B 705 32.07 10.55 32.43
N PRO B 706 31.32 11.52 33.04
CA PRO B 706 30.47 11.19 34.20
C PRO B 706 29.38 10.16 33.90
N ILE B 707 28.81 10.19 32.68
CA ILE B 707 27.80 9.22 32.28
C ILE B 707 28.42 7.82 32.30
N TRP B 708 29.62 7.68 31.71
CA TRP B 708 30.36 6.41 31.66
C TRP B 708 30.71 5.94 33.09
N ILE B 709 31.26 6.84 33.93
CA ILE B 709 31.63 6.52 35.31
C ILE B 709 30.42 6.01 36.08
N ASN B 710 29.30 6.75 36.02
CA ASN B 710 28.08 6.36 36.74
C ASN B 710 27.57 5.00 36.30
N PHE B 711 27.50 4.80 34.98
CA PHE B 711 27.05 3.52 34.44
C PHE B 711 28.00 2.37 34.85
N MET B 712 29.30 2.53 34.57
CA MET B 712 30.27 1.47 34.84
C MET B 712 30.36 1.13 36.32
N GLY B 713 30.33 2.15 37.17
CA GLY B 713 30.42 1.93 38.61
C GLY B 713 29.24 1.12 39.12
N GLN B 714 28.03 1.49 38.69
CA GLN B 714 26.83 0.77 39.11
C GLN B 714 26.68 -0.61 38.44
N ALA B 715 26.98 -0.69 37.12
CA ALA B 715 26.88 -1.96 36.37
C ALA B 715 27.85 -3.01 36.88
N LEU B 716 29.05 -2.57 37.31
CA LEU B 716 30.09 -3.49 37.75
C LEU B 716 30.13 -3.77 39.25
N GLN B 717 29.32 -3.03 40.04
CA GLN B 717 29.22 -3.19 41.49
C GLN B 717 28.95 -4.65 41.85
N GLY B 718 29.75 -5.18 42.76
CA GLY B 718 29.61 -6.57 43.21
C GLY B 718 30.25 -7.63 42.31
N THR B 719 30.94 -7.20 41.23
CA THR B 719 31.62 -8.12 40.32
C THR B 719 33.12 -8.15 40.63
N PRO B 720 33.79 -9.33 40.53
CA PRO B 720 35.23 -9.34 40.78
C PRO B 720 36.02 -8.64 39.67
N ALA B 721 37.28 -8.26 39.97
CA ALA B 721 38.15 -7.63 38.98
C ALA B 721 38.28 -8.54 37.75
N ALA B 722 38.17 -7.95 36.56
CA ALA B 722 38.26 -8.68 35.30
C ALA B 722 39.11 -7.85 34.35
N TRP B 723 40.38 -8.22 34.22
CA TRP B 723 41.27 -7.49 33.32
C TRP B 723 41.64 -8.40 32.12
N VAL B 724 42.80 -8.16 31.46
CA VAL B 724 43.29 -8.95 30.33
C VAL B 724 43.73 -10.36 30.73
N ARG B 725 43.40 -11.35 29.87
CA ARG B 725 43.75 -12.74 30.10
C ARG B 725 45.12 -13.13 29.50
N LEU B 726 46.12 -13.34 30.38
CA LEU B 726 47.48 -13.70 29.98
C LEU B 726 47.73 -15.20 30.00
N GLU B 727 46.83 -15.97 30.65
CA GLU B 727 47.02 -17.41 30.78
C GLU B 727 45.95 -18.24 30.10
N LYS B 728 44.67 -17.98 30.42
CA LYS B 728 43.51 -18.69 29.86
C LYS B 728 43.41 -18.42 28.35
N ASP B 729 43.46 -19.51 27.54
CA ASP B 729 43.36 -19.49 26.07
C ASP B 729 41.88 -19.33 25.68
#